data_3FRP
#
_entry.id   3FRP
#
_cell.length_a   134.138
_cell.length_b   151.141
_cell.length_c   76.787
_cell.angle_alpha   90.00
_cell.angle_beta   90.00
_cell.angle_gamma   90.00
#
_symmetry.space_group_name_H-M   'P 21 21 2'
#
loop_
_entity.id
_entity.type
_entity.pdbx_description
1 polymer 'Cobra venom factor alpha chain'
2 polymer 'Cobra venom factor gamma chain'
3 polymer 'Cobra venom factor beta chain'
4 non-polymer 'CALCIUM ION'
5 water water
#
loop_
_entity_poly.entity_id
_entity_poly.type
_entity_poly.pdbx_seq_one_letter_code
_entity_poly.pdbx_strand_id
1 'polypeptide(L)'
;ALYTLITPAVLRTDTEEQILVEAHGDSTPKQLDIFVHDFPRKQKTLFQTRVDMNPAGGMLVTPTIEIPAKEVSTDSRQNQ
YVVVQVTGPQVRLEKVVLLSYQSSFLFIQTDKGIYTPGSPVLYRVFSMDHNTSKMNKTVIVEFQTPEGILVSSNSVDLNF
FWPYNLPDLVSLGTWRIVAKYEHSPENYTAYFDVRKYVLPSFEVRLQPSEKFFYIDGNENFHVSITARYLYGEEVEGVAF
VLFGVKIDDAKKSIPDSLTRIPIIDGDGKATLKRDTFRSRFPNLNELVGHTLYASVTVMTESGSDMVVTEQSGIHIVASP
YQIHFTKTPKYFKPGMPYELTVYVTNPDGSPAAHVPVVSEAFHSMGTTLSDGTAKLILNIPLNAQSLPITVRTNHGDLPR
ERQATKSMTAIAYQTQGGSGNYLHVAITSTEIKPGDNLPVNFNVKGNANSLKQIKYFTYLILNKGKIFKVGRQPRRDGQN
LVTMNLHITPDLIPSFRFVAYYQVGNNEIVADSVWVDVKDTCMGTLVVKGDNLIQMPGAAMKIKLEGDPGARVGLVAVDK
AVYVLNDKYKISQAKIWDTIEKSDFGCTAGSGQNNLGVFEDAGLALTTSTNLNTKQRSAAKCPQPAN
;
A
2 'polypeptide(L)'
;DDNEDGFIADSDIISRSDFPKSWLWLTKDLTEEPNSQGISSKTMSFYLRDSITTWVVLAVSFTPTKGICVAEPYEIRVMK
VFFIDLQMPYSVVKNEQVEIRAILHNYVNEDIYVRVELLYNPAFCSASTKGQRYRQQFPIKALSSRAVPFVIVPLEQGLH
DVEIKASVQEALWSDGVRKKLKVVPEGVQKSIVTIVKLDPRAKGVGGTQLEVIKARKLDDRVPDTEIETKIIIQGDPVAQ
IIENSIDGSKLN
;
G
3 'polypeptide(L)'
;EIQMPTHKDLNLDITIELPDREVPIRYRINYENALLARTVETKLNQDITVTASGDGKATMTILTFYNAQLQEKANVCNKF
HLNVSVENIHLNAMGAKGALMLKICTRYLGEVDSTMTIIDISMLTGFLPDAEDLTRLSKGVDRYISRYEVDNNMAQKVAV
IIYLNKVSHSEDECLHFKILKHFEVGFIQPGSVKVYSYYNLDEKCTKFYHPDKGTGLLNKICIGNVCRCAGETCSSLNHQ
ERIDVPLQIEKACETNVDYVYKTKLLRIEEQDGNDIYVMDVLEVIKQGTDENPRAKTHQYISQRKCQEALNLKVNDDYLI
WGSRSDLLPTKDKISYIITKNTWIERWPHEDECQEEEFQKLCDDFAQFSYTLTEFGCPT
;
B
#
loop_
_chem_comp.id
_chem_comp.type
_chem_comp.name
_chem_comp.formula
CA non-polymer 'CALCIUM ION' 'Ca 2'
#
# COMPACT_ATOMS: atom_id res chain seq x y z
N ALA A 1 -43.87 28.17 -36.55
CA ALA A 1 -43.23 27.97 -37.89
C ALA A 1 -42.17 26.88 -37.83
N LEU A 2 -41.17 27.05 -36.97
CA LEU A 2 -40.23 25.96 -36.67
C LEU A 2 -40.07 25.85 -35.17
N TYR A 3 -40.19 24.63 -34.67
CA TYR A 3 -40.02 24.37 -33.26
C TYR A 3 -38.88 23.39 -33.09
N THR A 4 -38.10 23.60 -32.04
CA THR A 4 -36.93 22.79 -31.74
C THR A 4 -36.93 22.36 -30.26
N LEU A 5 -36.43 21.16 -30.02
CA LEU A 5 -36.22 20.66 -28.68
C LEU A 5 -34.81 20.10 -28.59
N ILE A 6 -34.03 20.62 -27.64
CA ILE A 6 -32.68 20.09 -27.44
C ILE A 6 -32.54 19.53 -26.04
N THR A 7 -32.02 18.30 -25.96
CA THR A 7 -31.65 17.71 -24.68
C THR A 7 -30.27 17.13 -24.77
N PRO A 8 -29.62 16.89 -23.63
CA PRO A 8 -28.37 16.15 -23.60
C PRO A 8 -28.57 14.77 -24.20
N ALA A 9 -27.51 14.22 -24.79
CA ALA A 9 -27.59 12.94 -25.49
C ALA A 9 -27.93 11.79 -24.57
N VAL A 10 -27.44 11.86 -23.33
CA VAL A 10 -27.79 10.88 -22.33
C VAL A 10 -28.39 11.61 -21.13
N LEU A 11 -29.35 10.97 -20.47
CA LEU A 11 -30.07 11.59 -19.35
C LEU A 11 -29.86 10.78 -18.09
N ARG A 12 -29.64 11.51 -17.01
CA ARG A 12 -29.29 10.86 -15.76
C ARG A 12 -30.46 10.88 -14.80
N THR A 13 -30.57 9.79 -14.05
CA THR A 13 -31.54 9.71 -12.97
C THR A 13 -31.22 10.68 -11.84
N ASP A 14 -32.28 11.15 -11.18
CA ASP A 14 -32.16 11.86 -9.90
C ASP A 14 -31.31 13.14 -9.91
N THR A 15 -31.18 13.80 -11.06
CA THR A 15 -30.45 15.08 -11.12
C THR A 15 -31.12 16.06 -12.07
N GLU A 16 -31.06 17.34 -11.70
CA GLU A 16 -31.65 18.42 -12.48
C GLU A 16 -31.01 18.41 -13.86
N GLU A 17 -31.83 18.18 -14.88
CA GLU A 17 -31.36 18.20 -16.26
C GLU A 17 -32.09 19.29 -17.06
N GLN A 18 -31.35 20.34 -17.43
CA GLN A 18 -31.91 21.44 -18.20
C GLN A 18 -32.04 21.04 -19.65
N ILE A 19 -33.05 21.59 -20.33
CA ILE A 19 -33.41 21.21 -21.71
C ILE A 19 -33.89 22.45 -22.43
N LEU A 20 -33.89 22.42 -23.77
CA LEU A 20 -34.11 23.66 -24.52
C LEU A 20 -35.25 23.54 -25.50
N VAL A 21 -36.19 24.48 -25.40
CA VAL A 21 -37.36 24.50 -26.27
C VAL A 21 -37.53 25.89 -26.86
N GLU A 22 -37.54 25.93 -28.20
CA GLU A 22 -37.39 27.17 -28.93
C GLU A 22 -38.47 27.34 -29.99
N ALA A 23 -38.88 28.58 -30.23
CA ALA A 23 -39.91 28.84 -31.26
C ALA A 23 -39.42 29.88 -32.26
N HIS A 24 -39.19 29.44 -33.48
CA HIS A 24 -38.70 30.32 -34.54
C HIS A 24 -39.82 30.69 -35.54
N GLY A 25 -40.00 32.00 -35.74
CA GLY A 25 -41.05 32.55 -36.60
C GLY A 25 -42.45 32.40 -36.00
N ASP A 26 -42.60 32.82 -34.76
CA ASP A 26 -43.87 32.70 -34.02
C ASP A 26 -43.83 33.71 -32.88
N SER A 27 -44.60 34.77 -33.03
CA SER A 27 -44.59 35.90 -32.10
C SER A 27 -45.78 35.87 -31.12
N THR A 28 -46.16 34.68 -30.67
CA THR A 28 -47.41 34.50 -29.93
C THR A 28 -47.16 33.78 -28.62
N PRO A 29 -47.66 34.34 -27.49
CA PRO A 29 -47.43 33.69 -26.20
C PRO A 29 -48.18 32.37 -26.12
N LYS A 30 -47.62 31.39 -25.43
CA LYS A 30 -48.31 30.12 -25.18
C LYS A 30 -47.71 29.39 -23.99
N GLN A 31 -48.54 28.60 -23.32
CA GLN A 31 -48.06 27.73 -22.27
C GLN A 31 -47.76 26.36 -22.85
N LEU A 32 -46.69 25.74 -22.37
CA LEU A 32 -46.32 24.43 -22.88
C LEU A 32 -46.34 23.36 -21.80
N ASP A 33 -46.99 22.25 -22.10
CA ASP A 33 -47.01 21.12 -21.19
C ASP A 33 -46.03 20.08 -21.66
N ILE A 34 -45.22 19.60 -20.71
CA ILE A 34 -44.09 18.76 -21.07
C ILE A 34 -43.99 17.54 -20.16
N PHE A 35 -43.82 16.37 -20.77
CA PHE A 35 -43.86 15.10 -20.05
C PHE A 35 -42.68 14.22 -20.41
N VAL A 36 -42.29 13.33 -19.50
CA VAL A 36 -41.30 12.30 -19.77
C VAL A 36 -41.89 10.95 -19.35
N HIS A 37 -41.74 9.96 -20.21
CA HIS A 37 -42.29 8.63 -19.99
C HIS A 37 -41.23 7.57 -20.24
N ASP A 38 -41.45 6.37 -19.71
CA ASP A 38 -40.63 5.22 -20.07
C ASP A 38 -40.96 4.85 -21.51
N PHE A 39 -40.00 4.24 -22.21
CA PHE A 39 -40.12 3.90 -23.63
C PHE A 39 -39.55 2.51 -23.95
N PRO A 40 -40.25 1.71 -24.80
CA PRO A 40 -41.45 1.96 -25.62
C PRO A 40 -42.80 1.95 -24.89
N ARG A 41 -42.87 1.29 -23.72
CA ARG A 41 -44.14 1.01 -23.04
C ARG A 41 -45.01 2.20 -22.60
N LYS A 42 -44.41 3.36 -22.31
CA LYS A 42 -45.15 4.55 -21.83
C LYS A 42 -46.08 4.26 -20.65
N GLN A 43 -45.70 3.29 -19.81
CA GLN A 43 -46.50 2.87 -18.65
C GLN A 43 -46.74 4.04 -17.68
N LYS A 44 -45.69 4.49 -17.01
CA LYS A 44 -45.83 5.48 -15.94
C LYS A 44 -45.38 6.89 -16.39
N THR A 45 -46.04 7.93 -15.86
CA THR A 45 -45.56 9.31 -16.03
C THR A 45 -44.40 9.55 -15.06
N LEU A 46 -43.24 9.82 -15.63
CA LEU A 46 -41.99 9.94 -14.89
C LEU A 46 -41.72 11.35 -14.38
N PHE A 47 -42.12 12.37 -15.16
CA PHE A 47 -42.01 13.78 -14.78
C PHE A 47 -43.00 14.63 -15.57
N GLN A 48 -43.42 15.77 -14.99
CA GLN A 48 -44.29 16.74 -15.67
C GLN A 48 -44.14 18.20 -15.16
N THR A 49 -44.48 19.16 -16.01
CA THR A 49 -44.49 20.61 -15.67
C THR A 49 -45.07 21.45 -16.80
N ARG A 50 -45.63 22.61 -16.46
CA ARG A 50 -46.15 23.57 -17.43
C ARG A 50 -45.28 24.82 -17.32
N VAL A 51 -44.94 25.43 -18.46
CA VAL A 51 -44.08 26.61 -18.47
C VAL A 51 -44.66 27.68 -19.36
N ASP A 52 -44.38 28.93 -19.02
CA ASP A 52 -44.81 30.07 -19.80
C ASP A 52 -43.79 30.38 -20.91
N MET A 53 -44.24 30.54 -22.16
CA MET A 53 -43.36 30.95 -23.27
C MET A 53 -43.83 32.25 -23.91
N ASN A 54 -42.96 33.25 -23.92
CA ASN A 54 -43.35 34.53 -24.48
C ASN A 54 -42.26 35.25 -25.25
N PRO A 55 -42.64 36.28 -26.02
CA PRO A 55 -41.73 37.21 -26.68
C PRO A 55 -40.89 37.99 -25.69
N ALA A 56 -41.28 37.98 -24.42
CA ALA A 56 -40.52 38.65 -23.38
C ALA A 56 -39.17 37.96 -23.22
N GLY A 57 -39.18 36.63 -23.21
CA GLY A 57 -37.96 35.84 -23.10
C GLY A 57 -37.40 35.38 -24.42
N GLY A 58 -37.69 36.12 -25.50
CA GLY A 58 -37.29 35.74 -26.85
C GLY A 58 -37.75 34.36 -27.31
N MET A 59 -39.02 34.02 -27.00
CA MET A 59 -39.62 32.74 -27.37
C MET A 59 -38.75 31.51 -27.06
N LEU A 60 -38.12 31.54 -25.90
CA LEU A 60 -37.13 30.54 -25.51
C LEU A 60 -37.46 30.10 -24.11
N VAL A 61 -37.39 28.80 -23.88
CA VAL A 61 -37.76 28.26 -22.59
C VAL A 61 -36.69 27.25 -22.17
N THR A 62 -36.23 27.34 -20.93
CA THR A 62 -35.17 26.49 -20.42
C THR A 62 -35.63 25.92 -19.10
N PRO A 63 -36.49 24.89 -19.15
CA PRO A 63 -36.94 24.25 -17.93
C PRO A 63 -36.03 23.09 -17.60
N THR A 64 -36.25 22.50 -16.42
CA THR A 64 -35.43 21.37 -15.96
C THR A 64 -36.33 20.19 -15.59
N ILE A 65 -35.79 18.99 -15.82
CA ILE A 65 -36.50 17.75 -15.56
C ILE A 65 -35.67 16.86 -14.64
N GLU A 66 -36.37 16.03 -13.87
CA GLU A 66 -35.70 15.11 -12.98
C GLU A 66 -36.37 13.76 -13.13
N ILE A 67 -35.58 12.75 -13.41
CA ILE A 67 -36.12 11.43 -13.57
C ILE A 67 -35.76 10.58 -12.36
N PRO A 68 -36.74 10.36 -11.46
CA PRO A 68 -36.58 9.49 -10.29
C PRO A 68 -36.28 8.06 -10.71
N ALA A 69 -35.32 7.42 -10.04
CA ALA A 69 -34.96 6.03 -10.36
C ALA A 69 -36.10 5.06 -10.05
N LYS A 70 -36.49 4.28 -11.08
CA LYS A 70 -37.69 3.40 -11.06
C LYS A 70 -37.61 2.35 -12.18
N ASN A 79 -29.82 -1.58 -21.32
CA ASN A 79 -30.20 -0.40 -22.08
C ASN A 79 -31.65 -0.03 -21.90
N GLN A 80 -31.89 1.26 -21.68
CA GLN A 80 -33.16 1.74 -21.14
C GLN A 80 -33.39 3.17 -21.65
N TYR A 81 -34.57 3.42 -22.20
CA TYR A 81 -34.81 4.66 -22.92
C TYR A 81 -35.95 5.45 -22.33
N VAL A 82 -36.00 6.75 -22.61
CA VAL A 82 -37.16 7.54 -22.25
C VAL A 82 -37.59 8.44 -23.41
N VAL A 83 -38.78 9.03 -23.27
CA VAL A 83 -39.27 9.98 -24.25
C VAL A 83 -39.63 11.30 -23.58
N VAL A 84 -39.01 12.37 -24.04
CA VAL A 84 -39.40 13.71 -23.64
C VAL A 84 -40.39 14.17 -24.71
N GLN A 85 -41.60 14.48 -24.24
CA GLN A 85 -42.66 14.97 -25.08
C GLN A 85 -42.96 16.39 -24.64
N VAL A 86 -43.13 17.30 -25.59
CA VAL A 86 -43.58 18.65 -25.26
C VAL A 86 -44.75 19.01 -26.16
N THR A 87 -45.82 19.56 -25.59
CA THR A 87 -47.01 19.89 -26.36
C THR A 87 -47.64 21.20 -25.92
N GLY A 88 -48.20 21.94 -26.89
CA GLY A 88 -49.00 23.14 -26.65
C GLY A 88 -49.68 23.58 -27.94
N PRO A 89 -50.23 24.80 -27.96
CA PRO A 89 -50.91 25.23 -29.19
C PRO A 89 -49.92 25.32 -30.35
N GLN A 90 -50.03 24.42 -31.32
CA GLN A 90 -49.17 24.42 -32.54
C GLN A 90 -47.92 23.54 -32.43
N VAL A 91 -47.66 23.01 -31.23
CA VAL A 91 -46.38 22.34 -30.91
C VAL A 91 -46.58 20.89 -30.48
N ARG A 92 -45.83 19.98 -31.10
CA ARG A 92 -45.86 18.59 -30.72
C ARG A 92 -44.52 17.94 -31.04
N LEU A 93 -43.67 17.87 -30.03
CA LEU A 93 -42.32 17.37 -30.19
C LEU A 93 -42.13 16.18 -29.28
N GLU A 94 -41.28 15.27 -29.72
CA GLU A 94 -40.93 14.10 -28.91
C GLU A 94 -39.56 13.54 -29.31
N LYS A 95 -38.70 13.38 -28.30
CA LYS A 95 -37.36 12.84 -28.51
C LYS A 95 -37.21 11.62 -27.65
N VAL A 96 -36.60 10.58 -28.20
CA VAL A 96 -36.32 9.36 -27.46
C VAL A 96 -34.87 9.45 -27.04
N VAL A 97 -34.62 9.34 -25.75
CA VAL A 97 -33.30 9.57 -25.21
C VAL A 97 -32.88 8.46 -24.28
N LEU A 98 -31.61 8.08 -24.39
CA LEU A 98 -30.97 7.10 -23.51
C LEU A 98 -30.84 7.58 -22.06
N LEU A 99 -30.96 6.61 -21.15
CA LEU A 99 -30.95 6.86 -19.73
C LEU A 99 -29.69 6.26 -19.13
N SER A 100 -29.13 6.99 -18.16
CA SER A 100 -28.02 6.47 -17.32
C SER A 100 -28.40 6.51 -15.84
N TYR A 101 -27.86 5.58 -15.07
CA TYR A 101 -28.20 5.54 -13.66
C TYR A 101 -27.16 6.23 -12.76
N GLN A 102 -26.03 6.60 -13.36
CA GLN A 102 -24.95 7.35 -12.72
C GLN A 102 -25.42 8.80 -12.37
N SER A 103 -26.15 8.94 -11.27
CA SER A 103 -26.69 10.25 -10.87
C SER A 103 -25.62 11.32 -10.67
N SER A 104 -24.52 10.92 -10.05
CA SER A 104 -23.34 11.76 -9.87
C SER A 104 -22.11 10.89 -9.97
N PHE A 105 -20.97 11.45 -9.59
CA PHE A 105 -19.72 10.70 -9.58
C PHE A 105 -19.29 10.35 -8.16
N LEU A 106 -18.95 9.10 -7.96
CA LEU A 106 -18.48 8.65 -6.68
C LEU A 106 -17.00 8.33 -6.70
N PHE A 107 -16.33 8.65 -5.59
CA PHE A 107 -14.92 8.36 -5.36
C PHE A 107 -14.70 7.77 -3.97
N ILE A 108 -13.83 6.77 -3.93
CA ILE A 108 -13.54 6.05 -2.71
C ILE A 108 -12.13 6.41 -2.24
N GLN A 109 -12.04 7.00 -1.06
CA GLN A 109 -10.77 7.14 -0.38
C GLN A 109 -10.60 5.97 0.53
N THR A 110 -9.40 5.39 0.55
CA THR A 110 -9.05 4.45 1.60
C THR A 110 -7.91 4.97 2.46
N ASP A 111 -7.93 4.44 3.66
CA ASP A 111 -6.94 4.60 4.70
C ASP A 111 -5.49 4.50 4.18
N LYS A 112 -5.19 3.36 3.57
CA LYS A 112 -3.89 3.09 2.96
C LYS A 112 -4.06 2.15 1.78
N GLY A 113 -2.99 1.99 0.99
CA GLY A 113 -3.01 1.13 -0.17
C GLY A 113 -2.61 -0.30 0.11
N ILE A 114 -2.20 -0.58 1.34
CA ILE A 114 -1.74 -1.94 1.72
C ILE A 114 -2.06 -2.37 3.18
N TYR A 115 -2.64 -3.57 3.33
CA TYR A 115 -3.05 -4.09 4.64
C TYR A 115 -2.42 -5.44 4.94
N THR A 116 -2.38 -5.79 6.23
CA THR A 116 -1.93 -7.12 6.67
C THR A 116 -3.17 -7.94 7.00
N PRO A 117 -3.09 -9.28 6.91
CA PRO A 117 -4.29 -10.03 7.30
C PRO A 117 -4.71 -9.67 8.73
N GLY A 118 -6.01 -9.65 8.98
CA GLY A 118 -6.52 -9.30 10.31
C GLY A 118 -6.33 -7.87 10.74
N SER A 119 -6.56 -6.93 9.82
CA SER A 119 -6.58 -5.51 10.17
C SER A 119 -7.79 -4.85 9.55
N PRO A 120 -8.16 -3.65 10.00
CA PRO A 120 -9.32 -3.01 9.38
C PRO A 120 -8.99 -2.16 8.15
N VAL A 121 -10.01 -1.80 7.38
CA VAL A 121 -9.85 -0.95 6.23
C VAL A 121 -10.77 0.25 6.41
N LEU A 122 -10.20 1.43 6.59
CA LEU A 122 -11.03 2.60 6.78
C LEU A 122 -11.22 3.22 5.42
N TYR A 123 -12.45 3.61 5.12
CA TYR A 123 -12.75 4.16 3.82
C TYR A 123 -13.85 5.22 3.92
N ARG A 124 -13.88 6.08 2.92
CA ARG A 124 -14.88 7.10 2.81
C ARG A 124 -15.37 7.05 1.37
N VAL A 125 -16.63 7.42 1.16
CA VAL A 125 -17.16 7.54 -0.19
C VAL A 125 -17.62 8.98 -0.33
N PHE A 126 -17.15 9.66 -1.39
CA PHE A 126 -17.51 11.06 -1.63
C PHE A 126 -18.34 11.15 -2.90
N SER A 127 -19.20 12.16 -2.99
CA SER A 127 -20.03 12.32 -4.17
C SER A 127 -19.87 13.73 -4.68
N MET A 128 -19.67 13.89 -5.99
CA MET A 128 -19.58 15.24 -6.58
C MET A 128 -20.94 15.92 -6.58
N THR A 138 -29.53 6.98 -2.74
CA THR A 138 -29.10 5.75 -2.06
C THR A 138 -27.95 5.06 -2.83
N VAL A 139 -26.90 4.74 -2.08
CA VAL A 139 -25.65 4.21 -2.61
C VAL A 139 -25.33 2.90 -1.93
N ILE A 140 -24.67 1.98 -2.63
CA ILE A 140 -24.20 0.74 -2.00
C ILE A 140 -22.71 0.52 -2.25
N VAL A 141 -22.07 -0.24 -1.35
CA VAL A 141 -20.63 -0.47 -1.44
C VAL A 141 -20.35 -1.96 -1.33
N GLU A 142 -19.53 -2.46 -2.25
CA GLU A 142 -19.19 -3.87 -2.29
C GLU A 142 -17.68 -4.10 -2.18
N PHE A 143 -17.29 -5.19 -1.52
CA PHE A 143 -15.88 -5.56 -1.41
C PHE A 143 -15.65 -6.87 -2.16
N GLN A 144 -14.63 -6.92 -3.02
CA GLN A 144 -14.35 -8.11 -3.84
C GLN A 144 -12.98 -8.66 -3.58
N THR A 145 -12.84 -9.99 -3.67
CA THR A 145 -11.57 -10.65 -3.39
C THR A 145 -10.64 -10.56 -4.60
N PRO A 146 -9.35 -10.95 -4.43
CA PRO A 146 -8.44 -11.13 -5.58
C PRO A 146 -9.01 -12.05 -6.66
N GLU A 147 -9.55 -13.20 -6.28
CA GLU A 147 -10.21 -14.11 -7.24
C GLU A 147 -11.52 -13.56 -7.83
N GLY A 148 -11.94 -12.38 -7.38
CA GLY A 148 -13.11 -11.73 -7.98
C GLY A 148 -14.46 -12.13 -7.40
N ILE A 149 -14.45 -12.65 -6.17
CA ILE A 149 -15.66 -13.10 -5.47
C ILE A 149 -16.19 -12.06 -4.48
N LEU A 150 -17.45 -11.65 -4.63
CA LEU A 150 -18.08 -10.67 -3.70
C LEU A 150 -18.14 -11.14 -2.26
N VAL A 151 -17.92 -10.21 -1.30
CA VAL A 151 -18.04 -10.54 0.13
C VAL A 151 -18.72 -9.47 0.99
N SER A 152 -19.19 -8.41 0.37
CA SER A 152 -19.96 -7.39 1.09
C SER A 152 -20.80 -6.67 0.10
N SER A 153 -21.94 -6.17 0.56
CA SER A 153 -22.82 -5.35 -0.27
C SER A 153 -23.89 -4.75 0.61
N ASN A 154 -24.19 -3.46 0.44
CA ASN A 154 -25.27 -2.81 1.20
C ASN A 154 -25.30 -1.29 1.14
N SER A 155 -26.48 -0.74 1.45
CA SER A 155 -26.72 0.70 1.51
C SER A 155 -25.74 1.40 2.42
N VAL A 156 -25.29 2.57 2.00
CA VAL A 156 -24.30 3.30 2.77
C VAL A 156 -24.81 4.69 3.19
N ASP A 157 -24.69 4.95 4.49
CA ASP A 157 -25.04 6.25 5.03
C ASP A 157 -23.85 7.18 4.76
N LEU A 158 -24.04 8.20 3.94
CA LEU A 158 -22.93 9.03 3.51
C LEU A 158 -22.33 9.90 4.61
N ASN A 159 -22.97 9.92 5.77
CA ASN A 159 -22.41 10.56 6.95
C ASN A 159 -21.62 9.59 7.82
N PHE A 160 -21.81 8.30 7.60
CA PHE A 160 -21.20 7.31 8.46
C PHE A 160 -20.80 6.03 7.72
N PHE A 161 -19.51 5.73 7.73
CA PHE A 161 -18.98 4.50 7.15
C PHE A 161 -18.48 3.53 8.22
N TRP A 162 -18.56 2.25 7.90
CA TRP A 162 -18.10 1.19 8.78
C TRP A 162 -16.77 0.63 8.32
N PRO A 163 -15.82 0.50 9.24
CA PRO A 163 -14.56 -0.13 8.83
C PRO A 163 -14.86 -1.57 8.43
N TYR A 164 -14.13 -2.09 7.45
CA TYR A 164 -14.35 -3.46 7.02
C TYR A 164 -13.24 -4.32 7.60
N ASN A 165 -13.60 -5.38 8.32
CA ASN A 165 -12.57 -6.17 9.03
C ASN A 165 -11.98 -7.35 8.24
N LEU A 166 -10.70 -7.24 7.91
CA LEU A 166 -10.01 -8.32 7.21
C LEU A 166 -9.72 -9.55 8.08
N PRO A 167 -10.19 -10.73 7.65
CA PRO A 167 -10.00 -11.98 8.38
C PRO A 167 -8.51 -12.37 8.53
N ASP A 168 -8.19 -13.06 9.63
CA ASP A 168 -6.84 -13.54 9.95
C ASP A 168 -6.26 -14.48 8.89
N LEU A 169 -7.11 -15.35 8.33
CA LEU A 169 -6.73 -16.14 7.15
C LEU A 169 -7.53 -15.63 5.98
N VAL A 170 -6.84 -15.15 4.95
CA VAL A 170 -7.52 -14.52 3.82
C VAL A 170 -6.72 -14.77 2.54
N SER A 171 -7.32 -14.44 1.39
CA SER A 171 -6.56 -14.47 0.14
C SER A 171 -5.74 -13.19 -0.04
N LEU A 172 -4.50 -13.39 -0.49
CA LEU A 172 -3.53 -12.31 -0.58
C LEU A 172 -3.48 -11.71 -2.00
N GLY A 173 -3.42 -10.39 -2.09
CA GLY A 173 -3.29 -9.75 -3.38
C GLY A 173 -4.23 -8.58 -3.51
N THR A 174 -4.54 -8.24 -4.75
CA THR A 174 -5.28 -7.03 -5.01
C THR A 174 -6.78 -7.25 -4.88
N TRP A 175 -7.35 -6.71 -3.82
CA TRP A 175 -8.79 -6.67 -3.62
C TRP A 175 -9.29 -5.43 -4.33
N ARG A 176 -10.60 -5.28 -4.40
CA ARG A 176 -11.17 -4.06 -4.93
C ARG A 176 -12.45 -3.70 -4.20
N ILE A 177 -12.74 -2.39 -4.11
CA ILE A 177 -13.97 -1.90 -3.51
C ILE A 177 -14.76 -1.09 -4.54
N VAL A 178 -16.05 -1.39 -4.65
CA VAL A 178 -16.89 -0.76 -5.62
C VAL A 178 -17.97 0.05 -4.91
N ALA A 179 -18.26 1.23 -5.46
CA ALA A 179 -19.34 2.09 -4.98
C ALA A 179 -20.26 2.44 -6.16
N LYS A 180 -21.57 2.36 -5.95
CA LYS A 180 -22.55 2.50 -7.04
C LYS A 180 -23.97 2.85 -6.60
N TYR A 181 -24.76 3.34 -7.54
CA TYR A 181 -26.20 3.47 -7.35
C TYR A 181 -26.93 2.13 -7.61
N GLU A 182 -28.12 1.99 -7.03
CA GLU A 182 -28.81 0.70 -6.89
C GLU A 182 -28.93 -0.17 -8.12
N HIS A 183 -29.34 0.42 -9.25
CA HIS A 183 -29.56 -0.38 -10.44
C HIS A 183 -28.71 0.10 -11.61
N SER A 184 -27.45 0.37 -11.32
CA SER A 184 -26.53 0.91 -12.31
C SER A 184 -25.50 -0.15 -12.65
N PRO A 185 -25.07 -0.17 -13.93
CA PRO A 185 -24.03 -1.07 -14.43
C PRO A 185 -22.63 -0.47 -14.38
N GLU A 186 -22.53 0.85 -14.25
CA GLU A 186 -21.22 1.50 -14.16
C GLU A 186 -20.94 2.05 -12.76
N ASN A 187 -19.65 2.07 -12.41
CA ASN A 187 -19.22 2.24 -11.02
C ASN A 187 -17.87 2.94 -10.90
N TYR A 188 -17.50 3.30 -9.67
CA TYR A 188 -16.11 3.66 -9.38
C TYR A 188 -15.50 2.55 -8.55
N THR A 189 -14.29 2.14 -8.94
CA THR A 189 -13.61 1.04 -8.31
C THR A 189 -12.28 1.50 -7.72
N ALA A 190 -12.03 1.11 -6.47
CA ALA A 190 -10.76 1.43 -5.82
C ALA A 190 -10.08 0.13 -5.39
N TYR A 191 -8.76 0.18 -5.25
CA TYR A 191 -7.98 -1.01 -4.99
C TYR A 191 -7.21 -0.92 -3.66
N PHE A 192 -6.82 -2.07 -3.12
CA PHE A 192 -5.85 -2.16 -2.00
C PHE A 192 -5.23 -3.54 -2.01
N ASP A 193 -3.98 -3.66 -1.59
CA ASP A 193 -3.34 -4.95 -1.52
C ASP A 193 -3.46 -5.50 -0.09
N VAL A 194 -3.48 -6.83 0.01
CA VAL A 194 -3.36 -7.52 1.27
C VAL A 194 -2.11 -8.38 1.21
N ARG A 195 -1.09 -8.03 1.96
CA ARG A 195 0.17 -8.79 1.93
C ARG A 195 0.66 -9.03 3.34
N LYS A 196 1.43 -10.10 3.52
CA LYS A 196 2.13 -10.36 4.77
C LYS A 196 3.43 -9.53 4.79
N TYR A 197 3.30 -8.23 5.06
CA TYR A 197 4.44 -7.31 4.99
C TYR A 197 4.80 -6.56 6.28
N VAL A 198 6.09 -6.23 6.40
CA VAL A 198 6.57 -5.25 7.38
C VAL A 198 6.97 -3.97 6.66
N LEU A 199 6.60 -2.81 7.22
CA LEU A 199 7.05 -1.48 6.75
C LEU A 199 8.58 -1.31 6.75
N PRO A 200 9.14 -0.83 5.63
CA PRO A 200 10.60 -0.63 5.60
C PRO A 200 11.01 0.71 6.25
N SER A 201 12.26 0.83 6.70
CA SER A 201 12.72 2.05 7.38
C SER A 201 13.13 3.19 6.45
N PHE A 202 13.22 2.89 5.15
CA PHE A 202 13.59 3.89 4.13
C PHE A 202 12.79 3.88 2.83
N GLU A 203 12.66 5.04 2.20
CA GLU A 203 12.21 5.12 0.81
C GLU A 203 13.35 5.08 -0.20
N VAL A 204 13.07 4.45 -1.35
CA VAL A 204 13.95 4.55 -2.50
C VAL A 204 13.25 5.30 -3.63
N ARG A 205 13.86 6.38 -4.11
CA ARG A 205 13.37 7.11 -5.29
C ARG A 205 14.34 7.01 -6.45
N LEU A 206 13.81 6.84 -7.64
CA LEU A 206 14.64 6.61 -8.82
C LEU A 206 14.50 7.72 -9.85
N GLN A 207 15.63 8.03 -10.49
CA GLN A 207 15.68 9.06 -11.55
C GLN A 207 16.25 8.52 -12.89
N PRO A 208 15.41 8.42 -13.94
CA PRO A 208 15.93 7.95 -15.23
C PRO A 208 16.75 9.02 -15.99
N SER A 209 17.78 8.56 -16.69
CA SER A 209 18.60 9.42 -17.56
C SER A 209 17.78 10.18 -18.61
N GLU A 210 16.81 9.49 -19.22
CA GLU A 210 15.92 10.09 -20.21
C GLU A 210 14.53 9.51 -20.00
N LYS A 211 13.53 10.17 -20.58
CA LYS A 211 12.15 9.70 -20.51
C LYS A 211 11.83 8.64 -21.58
N PHE A 212 12.85 8.25 -22.36
CA PHE A 212 12.70 7.33 -23.50
C PHE A 212 14.03 6.60 -23.76
N PHE A 213 13.98 5.57 -24.59
CA PHE A 213 15.18 4.84 -25.01
C PHE A 213 15.06 4.58 -26.51
N TYR A 214 16.09 4.91 -27.28
CA TYR A 214 16.03 4.72 -28.73
C TYR A 214 16.17 3.26 -29.18
N ILE A 215 15.15 2.75 -29.88
CA ILE A 215 15.13 1.38 -30.45
C ILE A 215 16.41 1.05 -31.21
N ASP A 216 16.96 2.05 -31.87
CA ASP A 216 18.11 1.87 -32.76
C ASP A 216 19.16 2.91 -32.47
N GLY A 217 19.33 3.25 -31.19
CA GLY A 217 20.31 4.27 -30.80
C GLY A 217 21.63 3.66 -30.38
N ASN A 218 22.54 4.51 -29.95
CA ASN A 218 23.78 4.05 -29.32
C ASN A 218 24.11 4.67 -27.95
N GLU A 219 23.10 5.20 -27.26
CA GLU A 219 23.31 5.72 -25.91
C GLU A 219 23.12 4.62 -24.87
N ASN A 220 23.83 4.76 -23.76
CA ASN A 220 23.58 3.95 -22.56
C ASN A 220 22.40 4.47 -21.74
N PHE A 221 21.90 3.65 -20.83
CA PHE A 221 20.81 4.08 -19.99
C PHE A 221 21.20 4.08 -18.51
N HIS A 222 20.89 5.17 -17.83
CA HIS A 222 21.26 5.33 -16.41
C HIS A 222 20.06 5.48 -15.49
N VAL A 223 20.21 5.00 -14.26
CA VAL A 223 19.23 5.23 -13.21
C VAL A 223 19.91 5.73 -11.94
N SER A 224 19.50 6.91 -11.50
CA SER A 224 19.93 7.49 -10.23
C SER A 224 19.04 7.01 -9.10
N ILE A 225 19.66 6.39 -8.12
CA ILE A 225 19.00 5.93 -6.93
C ILE A 225 19.20 6.91 -5.77
N THR A 226 18.11 7.30 -5.13
CA THR A 226 18.17 8.03 -3.88
C THR A 226 17.51 7.20 -2.79
N ALA A 227 18.25 6.94 -1.72
CA ALA A 227 17.73 6.20 -0.57
C ALA A 227 17.92 6.93 0.77
N ARG A 228 16.79 7.25 1.39
CA ARG A 228 16.74 8.03 2.62
C ARG A 228 15.82 7.38 3.66
N TYR A 229 16.25 7.31 4.91
CA TYR A 229 15.37 6.87 6.00
C TYR A 229 14.13 7.75 6.12
N LEU A 230 13.08 7.23 6.74
CA LEU A 230 11.80 7.96 6.82
C LEU A 230 11.79 9.26 7.66
N TYR A 231 12.78 9.39 8.53
CA TYR A 231 12.97 10.56 9.37
C TYR A 231 14.00 11.55 8.81
N GLY A 232 14.82 11.11 7.85
CA GLY A 232 15.64 12.07 7.09
C GLY A 232 17.07 11.74 6.71
N GLU A 233 17.79 11.02 7.55
CA GLU A 233 19.19 10.67 7.23
C GLU A 233 19.33 9.82 5.94
N GLU A 234 20.54 9.77 5.42
CA GLU A 234 20.86 8.99 4.25
C GLU A 234 21.00 7.56 4.68
N VAL A 235 20.71 6.68 3.75
CA VAL A 235 20.96 5.28 3.93
C VAL A 235 22.34 4.96 3.37
N GLU A 236 23.06 4.07 4.05
CA GLU A 236 24.27 3.46 3.50
C GLU A 236 23.98 2.01 3.17
N GLY A 237 24.58 1.52 2.09
CA GLY A 237 24.46 0.12 1.66
C GLY A 237 24.72 -0.07 0.17
N VAL A 238 24.17 -1.16 -0.40
CA VAL A 238 24.39 -1.50 -1.80
C VAL A 238 23.06 -1.73 -2.52
N ALA A 239 23.08 -1.62 -3.85
CA ALA A 239 21.88 -1.88 -4.66
C ALA A 239 22.12 -2.90 -5.79
N PHE A 240 21.06 -3.65 -6.12
CA PHE A 240 21.09 -4.62 -7.20
C PHE A 240 20.04 -4.20 -8.22
N VAL A 241 20.50 -3.93 -9.44
CA VAL A 241 19.63 -3.47 -10.52
C VAL A 241 19.75 -4.41 -11.67
N LEU A 242 18.59 -4.78 -12.21
CA LEU A 242 18.49 -5.62 -13.39
C LEU A 242 17.54 -4.93 -14.35
N PHE A 243 17.95 -4.79 -15.61
CA PHE A 243 17.12 -4.14 -16.63
C PHE A 243 16.36 -5.16 -17.46
N GLY A 244 15.21 -4.77 -17.96
CA GLY A 244 14.45 -5.66 -18.85
C GLY A 244 13.52 -4.94 -19.81
N VAL A 245 12.64 -5.70 -20.46
CA VAL A 245 11.69 -5.15 -21.42
C VAL A 245 10.30 -5.70 -21.11
N LYS A 246 9.30 -4.82 -21.08
CA LYS A 246 7.94 -5.26 -20.77
C LYS A 246 7.04 -5.21 -22.02
N ILE A 247 6.79 -6.39 -22.57
CA ILE A 247 5.91 -6.59 -23.75
C ILE A 247 4.44 -6.74 -23.30
N ASP A 248 3.66 -5.68 -23.46
CA ASP A 248 2.26 -5.62 -23.02
C ASP A 248 1.97 -6.06 -21.59
N ASP A 249 2.14 -7.36 -21.31
CA ASP A 249 1.94 -7.90 -19.96
C ASP A 249 3.22 -8.51 -19.40
N ALA A 250 3.90 -9.27 -20.24
CA ALA A 250 5.07 -10.04 -19.85
C ALA A 250 6.34 -9.18 -19.74
N LYS A 251 7.17 -9.51 -18.77
CA LYS A 251 8.46 -8.85 -18.53
C LYS A 251 9.58 -9.78 -19.01
N LYS A 252 10.49 -9.28 -19.85
CA LYS A 252 11.59 -10.13 -20.35
C LYS A 252 12.95 -9.54 -20.02
N SER A 253 13.64 -10.16 -19.08
CA SER A 253 14.84 -9.60 -18.49
C SER A 253 16.05 -9.60 -19.42
N ILE A 254 17.12 -8.94 -18.97
CA ILE A 254 18.41 -8.93 -19.64
C ILE A 254 19.46 -9.43 -18.63
N PRO A 255 19.53 -10.77 -18.41
CA PRO A 255 20.36 -11.36 -17.32
C PRO A 255 21.79 -10.81 -17.11
N ASP A 256 22.40 -10.23 -18.14
CA ASP A 256 23.71 -9.59 -17.98
C ASP A 256 23.69 -8.09 -17.64
N SER A 257 22.50 -7.51 -17.50
CA SER A 257 22.34 -6.21 -16.85
C SER A 257 22.85 -6.23 -15.41
N LEU A 258 22.47 -7.27 -14.68
CA LEU A 258 22.67 -7.36 -13.23
C LEU A 258 24.01 -6.79 -12.74
N THR A 259 23.95 -5.61 -12.11
CA THR A 259 25.11 -5.02 -11.45
C THR A 259 24.81 -4.67 -10.00
N ARG A 260 25.83 -4.77 -9.17
CA ARG A 260 25.78 -4.37 -7.79
C ARG A 260 26.58 -3.09 -7.63
N ILE A 261 25.92 -2.05 -7.16
CA ILE A 261 26.56 -0.75 -7.00
C ILE A 261 26.40 -0.22 -5.56
N PRO A 262 27.46 0.38 -5.00
CA PRO A 262 27.30 0.92 -3.65
C PRO A 262 26.37 2.13 -3.58
N ILE A 263 25.60 2.21 -2.49
CA ILE A 263 24.85 3.42 -2.15
C ILE A 263 25.61 4.16 -1.04
N ILE A 264 26.33 5.20 -1.45
CA ILE A 264 27.15 6.01 -0.56
C ILE A 264 26.45 7.36 -0.32
N ASP A 265 26.25 7.70 0.97
CA ASP A 265 25.52 8.90 1.39
C ASP A 265 24.14 8.98 0.73
N GLY A 266 23.53 7.81 0.58
CA GLY A 266 22.19 7.68 0.00
C GLY A 266 22.11 7.89 -1.50
N ASP A 267 23.26 7.91 -2.16
CA ASP A 267 23.34 8.20 -3.60
C ASP A 267 23.98 7.04 -4.34
N GLY A 268 23.50 6.79 -5.55
CA GLY A 268 24.03 5.73 -6.41
C GLY A 268 23.52 5.79 -7.84
N LYS A 269 24.32 5.31 -8.78
CA LYS A 269 24.01 5.39 -10.20
C LYS A 269 24.17 4.02 -10.88
N ALA A 270 23.09 3.50 -11.47
CA ALA A 270 23.13 2.20 -12.16
C ALA A 270 23.01 2.38 -13.68
N THR A 271 23.78 1.60 -14.42
CA THR A 271 23.99 1.87 -15.82
C THR A 271 23.78 0.61 -16.69
N LEU A 272 22.92 0.72 -17.70
CA LEU A 272 22.75 -0.34 -18.70
C LEU A 272 23.48 0.01 -19.98
N LYS A 273 24.46 -0.83 -20.32
CA LYS A 273 25.29 -0.64 -21.50
C LYS A 273 24.48 -1.04 -22.74
N ARG A 274 24.71 -0.38 -23.88
CA ARG A 274 23.92 -0.71 -25.06
C ARG A 274 24.33 -2.00 -25.74
N ASP A 275 25.64 -2.24 -25.82
CA ASP A 275 26.15 -3.46 -26.45
C ASP A 275 25.70 -4.69 -25.66
N THR A 276 25.36 -4.50 -24.38
CA THR A 276 24.77 -5.53 -23.57
C THR A 276 23.30 -5.69 -23.94
N PHE A 277 22.66 -4.55 -24.27
CA PHE A 277 21.27 -4.54 -24.75
C PHE A 277 21.11 -5.14 -26.18
N ARG A 278 22.00 -4.76 -27.09
CA ARG A 278 22.07 -5.34 -28.44
C ARG A 278 22.29 -6.86 -28.39
N SER A 279 23.29 -7.28 -27.64
CA SER A 279 23.59 -8.69 -27.45
C SER A 279 22.36 -9.51 -27.09
N ARG A 280 21.39 -8.92 -26.39
CA ARG A 280 20.21 -9.67 -25.91
C ARG A 280 18.98 -9.36 -26.74
N PHE A 281 19.01 -8.23 -27.45
CA PHE A 281 17.90 -7.90 -28.30
C PHE A 281 18.35 -7.46 -29.69
N PRO A 282 18.60 -8.43 -30.60
CA PRO A 282 19.01 -8.11 -31.97
C PRO A 282 17.89 -8.22 -33.01
N LEU A 287 10.75 -5.61 -30.14
CA LEU A 287 11.03 -4.42 -29.33
C LEU A 287 10.01 -3.30 -29.50
N VAL A 288 9.45 -3.17 -30.70
CA VAL A 288 8.50 -2.09 -31.01
C VAL A 288 7.32 -2.13 -30.04
N GLY A 289 7.00 -0.95 -29.49
CA GLY A 289 5.81 -0.75 -28.66
C GLY A 289 5.91 -1.14 -27.19
N HIS A 290 7.14 -1.35 -26.72
CA HIS A 290 7.38 -1.83 -25.37
C HIS A 290 8.17 -0.81 -24.56
N THR A 291 8.39 -1.15 -23.29
CA THR A 291 9.03 -0.25 -22.35
C THR A 291 10.25 -0.89 -21.69
N LEU A 292 11.25 -0.06 -21.40
CA LEU A 292 12.42 -0.46 -20.64
C LEU A 292 12.05 -0.31 -19.18
N TYR A 293 12.42 -1.30 -18.38
CA TYR A 293 12.21 -1.25 -16.94
C TYR A 293 13.53 -1.55 -16.23
N ALA A 294 13.71 -0.96 -15.07
CA ALA A 294 14.82 -1.36 -14.20
C ALA A 294 14.28 -1.71 -12.82
N SER A 295 14.63 -2.91 -12.38
CA SER A 295 14.21 -3.39 -11.09
C SER A 295 15.34 -3.18 -10.11
N VAL A 296 15.04 -2.55 -8.98
CA VAL A 296 16.06 -2.07 -8.07
C VAL A 296 15.78 -2.50 -6.63
N THR A 297 16.80 -3.10 -6.04
CA THR A 297 16.70 -3.72 -4.72
C THR A 297 17.81 -3.12 -3.87
N VAL A 298 17.42 -2.30 -2.90
CA VAL A 298 18.39 -1.65 -1.99
C VAL A 298 18.40 -2.32 -0.63
N MET A 299 19.61 -2.54 -0.13
CA MET A 299 19.86 -3.17 1.15
C MET A 299 20.72 -2.24 2.06
N THR A 300 20.29 -2.07 3.32
CA THR A 300 21.11 -1.32 4.31
C THR A 300 22.45 -2.02 4.59
N GLU A 301 23.48 -1.23 4.89
CA GLU A 301 24.85 -1.72 5.10
C GLU A 301 24.94 -2.77 6.21
N SER A 302 24.01 -2.68 7.16
CA SER A 302 23.96 -3.57 8.29
C SER A 302 23.21 -4.86 7.95
N GLY A 303 22.48 -4.85 6.84
CA GLY A 303 21.66 -5.98 6.45
C GLY A 303 20.33 -6.03 7.17
N SER A 304 20.02 -5.01 7.95
CA SER A 304 18.74 -4.93 8.71
C SER A 304 17.45 -5.03 7.86
N ASP A 305 17.37 -4.29 6.76
CA ASP A 305 16.23 -4.43 5.87
C ASP A 305 16.53 -3.91 4.49
N MET A 306 15.67 -4.30 3.55
CA MET A 306 15.79 -3.91 2.16
C MET A 306 14.47 -3.39 1.57
N VAL A 307 14.57 -2.81 0.38
CA VAL A 307 13.43 -2.23 -0.32
C VAL A 307 13.49 -2.63 -1.79
N VAL A 308 12.32 -2.90 -2.37
CA VAL A 308 12.21 -3.25 -3.78
C VAL A 308 11.29 -2.28 -4.54
N THR A 309 11.85 -1.53 -5.47
CA THR A 309 11.01 -0.72 -6.35
C THR A 309 11.42 -0.89 -7.79
N GLU A 310 10.66 -0.28 -8.68
CA GLU A 310 10.85 -0.47 -10.09
C GLU A 310 10.71 0.86 -10.81
N GLN A 311 11.64 1.09 -11.72
CA GLN A 311 11.57 2.21 -12.64
C GLN A 311 10.89 1.70 -13.91
N SER A 312 9.68 2.20 -14.16
CA SER A 312 8.90 1.77 -15.32
C SER A 312 8.58 2.88 -16.31
N GLY A 313 7.99 2.49 -17.44
CA GLY A 313 7.45 3.41 -18.46
C GLY A 313 8.44 4.14 -19.34
N ILE A 314 9.59 3.52 -19.59
CA ILE A 314 10.58 4.08 -20.50
C ILE A 314 10.40 3.44 -21.87
N HIS A 315 9.53 4.05 -22.66
CA HIS A 315 9.12 3.47 -23.95
C HIS A 315 10.33 3.37 -24.85
N ILE A 316 10.43 2.28 -25.58
CA ILE A 316 11.51 2.08 -26.55
C ILE A 316 11.07 2.64 -27.91
N VAL A 317 11.65 3.78 -28.30
CA VAL A 317 11.05 4.59 -29.35
C VAL A 317 12.03 5.08 -30.39
N ALA A 318 11.47 5.68 -31.46
CA ALA A 318 12.23 6.26 -32.57
C ALA A 318 12.34 7.76 -32.37
N SER A 319 11.27 8.32 -31.82
CA SER A 319 11.19 9.74 -31.53
C SER A 319 10.87 9.96 -30.03
N PRO A 320 11.46 11.00 -29.42
CA PRO A 320 11.16 11.44 -28.05
C PRO A 320 9.73 11.98 -27.91
N TYR A 321 9.10 12.27 -29.04
CA TYR A 321 7.78 12.84 -29.03
C TYR A 321 6.79 12.02 -29.81
N GLN A 322 5.51 12.31 -29.59
CA GLN A 322 4.42 11.83 -30.42
C GLN A 322 3.43 12.97 -30.69
N ILE A 323 3.02 13.13 -31.97
CA ILE A 323 1.98 14.07 -32.40
C ILE A 323 0.57 13.46 -32.28
N HIS A 324 -0.40 14.25 -31.81
CA HIS A 324 -1.79 13.79 -31.67
C HIS A 324 -2.76 14.82 -32.25
N PHE A 325 -3.80 14.31 -32.91
CA PHE A 325 -4.85 15.17 -33.43
C PHE A 325 -6.16 15.07 -32.64
N THR A 326 -6.05 14.60 -31.41
CA THR A 326 -7.21 14.36 -30.53
C THR A 326 -8.01 15.61 -30.17
N LYS A 327 -7.37 16.76 -30.22
CA LYS A 327 -8.00 18.02 -29.83
C LYS A 327 -8.34 18.93 -31.02
N THR A 328 -8.31 18.40 -32.25
CA THR A 328 -8.77 19.14 -33.46
C THR A 328 -10.05 18.54 -34.00
N PRO A 329 -10.95 19.41 -34.49
CA PRO A 329 -12.12 18.91 -35.19
C PRO A 329 -11.68 18.21 -36.47
N LYS A 330 -12.36 17.13 -36.82
CA LYS A 330 -12.08 16.39 -38.03
C LYS A 330 -12.95 16.89 -39.17
N TYR A 331 -13.61 18.02 -38.97
CA TYR A 331 -14.39 18.65 -40.03
C TYR A 331 -14.00 20.13 -40.24
N PHE A 332 -14.07 20.59 -41.50
CA PHE A 332 -13.80 21.98 -41.85
C PHE A 332 -14.92 22.66 -42.63
N LYS A 333 -14.88 23.98 -42.73
CA LYS A 333 -15.83 24.75 -43.53
C LYS A 333 -15.07 25.38 -44.71
N PRO A 334 -15.21 24.80 -45.92
CA PRO A 334 -14.54 25.34 -47.12
C PRO A 334 -14.74 26.84 -47.23
N GLY A 335 -13.66 27.56 -47.52
CA GLY A 335 -13.70 29.01 -47.60
C GLY A 335 -13.64 29.78 -46.27
N MET A 336 -13.68 29.08 -45.15
CA MET A 336 -13.41 29.72 -43.85
C MET A 336 -12.08 29.18 -43.35
N PRO A 337 -11.31 30.00 -42.61
CA PRO A 337 -10.04 29.54 -42.09
C PRO A 337 -10.19 28.44 -41.05
N TYR A 338 -9.49 27.33 -41.26
CA TYR A 338 -9.57 26.20 -40.36
C TYR A 338 -8.65 26.31 -39.16
N GLU A 339 -9.15 26.00 -37.97
CA GLU A 339 -8.33 26.02 -36.76
C GLU A 339 -7.75 24.65 -36.40
N LEU A 340 -6.48 24.46 -36.71
CA LEU A 340 -5.73 23.25 -36.36
C LEU A 340 -5.11 23.36 -34.97
N THR A 341 -5.56 22.52 -34.05
CA THR A 341 -4.99 22.49 -32.70
C THR A 341 -4.14 21.22 -32.53
N VAL A 342 -2.83 21.35 -32.67
CA VAL A 342 -1.90 20.23 -32.57
C VAL A 342 -1.52 19.98 -31.12
N TYR A 343 -1.19 18.72 -30.79
CA TYR A 343 -0.93 18.33 -29.41
C TYR A 343 0.24 17.38 -29.39
N VAL A 344 1.28 17.75 -28.65
CA VAL A 344 2.48 16.93 -28.53
C VAL A 344 2.64 16.46 -27.10
N THR A 345 2.97 15.19 -26.92
CA THR A 345 3.27 14.62 -25.62
C THR A 345 4.59 13.89 -25.67
N ASN A 346 5.10 13.57 -24.50
CA ASN A 346 6.16 12.58 -24.37
C ASN A 346 5.57 11.17 -24.60
N PRO A 347 6.41 10.13 -24.67
CA PRO A 347 5.85 8.81 -24.94
C PRO A 347 4.82 8.34 -23.90
N ASP A 348 5.07 8.54 -22.61
CA ASP A 348 4.07 8.24 -21.56
C ASP A 348 2.73 9.00 -21.69
N GLY A 349 2.62 9.94 -22.64
CA GLY A 349 1.42 10.75 -22.77
C GLY A 349 1.32 12.01 -21.90
N SER A 350 2.44 12.43 -21.30
CA SER A 350 2.48 13.69 -20.57
C SER A 350 2.78 14.82 -21.54
N PRO A 351 2.07 15.95 -21.42
CA PRO A 351 2.30 17.10 -22.29
C PRO A 351 3.76 17.50 -22.38
N ALA A 352 4.25 17.77 -23.59
CA ALA A 352 5.61 18.29 -23.77
C ALA A 352 5.59 19.75 -24.23
N ALA A 353 6.05 20.64 -23.35
CA ALA A 353 6.01 22.08 -23.58
C ALA A 353 7.16 22.57 -24.46
N HIS A 354 7.01 23.80 -24.97
CA HIS A 354 8.07 24.49 -25.73
C HIS A 354 8.64 23.60 -26.84
N VAL A 355 7.76 22.95 -27.57
CA VAL A 355 8.16 22.09 -28.69
C VAL A 355 7.69 22.71 -29.99
N PRO A 356 8.62 23.12 -30.87
CA PRO A 356 8.24 23.68 -32.17
C PRO A 356 7.61 22.62 -33.07
N VAL A 357 6.47 22.96 -33.66
CA VAL A 357 5.84 22.09 -34.65
C VAL A 357 5.59 22.80 -36.01
N VAL A 358 5.62 22.02 -37.08
CA VAL A 358 5.53 22.57 -38.42
C VAL A 358 4.61 21.71 -39.28
N SER A 359 3.88 22.33 -40.19
CA SER A 359 3.30 21.62 -41.35
C SER A 359 3.80 22.30 -42.63
N GLU A 360 4.71 21.64 -43.34
CA GLU A 360 5.33 22.25 -44.52
C GLU A 360 4.30 22.63 -45.56
N ALA A 361 3.48 21.66 -45.96
CA ALA A 361 2.50 21.85 -47.02
C ALA A 361 1.63 23.12 -46.89
N PHE A 362 1.46 23.61 -45.65
CA PHE A 362 0.69 24.85 -45.37
C PHE A 362 1.56 25.97 -44.85
N HIS A 363 2.88 25.81 -44.97
CA HIS A 363 3.87 26.81 -44.54
C HIS A 363 3.46 27.44 -43.18
N SER A 364 2.97 26.61 -42.27
CA SER A 364 2.49 27.05 -40.96
C SER A 364 3.43 26.60 -39.84
N MET A 365 3.42 27.33 -38.73
CA MET A 365 4.47 27.19 -37.72
C MET A 365 4.06 27.79 -36.37
N GLY A 366 4.26 27.01 -35.30
CA GLY A 366 3.95 27.47 -33.95
C GLY A 366 4.77 26.67 -32.96
N THR A 367 4.84 27.13 -31.71
CA THR A 367 5.47 26.32 -30.67
C THR A 367 4.54 26.08 -29.51
N THR A 368 4.73 24.92 -28.89
CA THR A 368 3.83 24.34 -27.90
C THR A 368 3.87 25.08 -26.56
N LEU A 369 2.69 25.45 -26.07
CA LEU A 369 2.58 26.02 -24.73
C LEU A 369 2.72 24.94 -23.65
N SER A 370 2.53 25.32 -22.39
CA SER A 370 2.68 24.41 -21.25
C SER A 370 1.71 23.21 -21.28
N ASP A 371 0.49 23.45 -21.75
CA ASP A 371 -0.51 22.38 -21.88
C ASP A 371 -0.16 21.38 -22.99
N GLY A 372 0.94 21.66 -23.69
CA GLY A 372 1.36 20.87 -24.84
C GLY A 372 0.63 21.13 -26.16
N THR A 373 -0.10 22.24 -26.26
CA THR A 373 -0.84 22.56 -27.49
C THR A 373 -0.28 23.80 -28.20
N ALA A 374 -0.47 23.84 -29.52
CA ALA A 374 -0.21 25.03 -30.33
C ALA A 374 -1.31 25.18 -31.37
N LYS A 375 -1.86 26.38 -31.51
CA LYS A 375 -2.93 26.66 -32.47
C LYS A 375 -2.37 27.18 -33.80
N LEU A 376 -2.72 26.52 -34.89
CA LEU A 376 -2.29 26.92 -36.20
C LEU A 376 -3.52 27.19 -37.06
N ILE A 377 -3.56 28.38 -37.64
CA ILE A 377 -4.64 28.71 -38.56
C ILE A 377 -4.23 28.30 -39.97
N LEU A 378 -5.13 27.57 -40.63
CA LEU A 378 -4.91 27.05 -41.97
C LEU A 378 -5.88 27.65 -42.96
N ASN A 379 -5.35 28.35 -43.95
CA ASN A 379 -6.14 28.83 -45.08
C ASN A 379 -6.41 27.69 -46.03
N ILE A 380 -7.68 27.52 -46.36
CA ILE A 380 -8.12 26.40 -47.17
C ILE A 380 -8.91 26.90 -48.40
N PRO A 381 -8.70 26.29 -49.59
CA PRO A 381 -9.53 26.57 -50.78
C PRO A 381 -11.05 26.41 -50.54
N LEU A 382 -11.84 27.02 -51.43
CA LEU A 382 -13.31 27.06 -51.29
C LEU A 382 -14.00 25.83 -51.84
N ASN A 383 -13.27 25.08 -52.68
CA ASN A 383 -13.84 23.95 -53.43
C ASN A 383 -13.32 22.59 -52.92
N ALA A 384 -12.56 22.64 -51.83
CA ALA A 384 -12.09 21.45 -51.17
C ALA A 384 -13.27 20.74 -50.52
N GLN A 385 -13.37 19.42 -50.72
CA GLN A 385 -14.28 18.64 -49.91
C GLN A 385 -13.49 17.88 -48.82
N SER A 386 -12.21 17.62 -49.12
CA SER A 386 -11.34 16.81 -48.26
C SER A 386 -10.01 17.54 -47.99
N LEU A 387 -9.52 17.48 -46.75
CA LEU A 387 -8.32 18.24 -46.33
C LEU A 387 -7.29 17.41 -45.55
N PRO A 388 -6.17 17.06 -46.18
CA PRO A 388 -5.19 16.23 -45.46
C PRO A 388 -4.07 17.05 -44.83
N ILE A 389 -3.75 16.74 -43.57
CA ILE A 389 -2.72 17.48 -42.81
C ILE A 389 -1.63 16.56 -42.28
N THR A 390 -0.39 17.04 -42.32
CA THR A 390 0.73 16.38 -41.68
C THR A 390 1.56 17.38 -40.86
N VAL A 391 1.86 17.00 -39.62
CA VAL A 391 2.58 17.87 -38.71
C VAL A 391 3.84 17.14 -38.26
N ARG A 392 4.96 17.86 -38.22
CA ARG A 392 6.23 17.33 -37.79
C ARG A 392 6.66 18.16 -36.60
N THR A 393 7.34 17.53 -35.66
CA THR A 393 8.14 18.30 -34.70
C THR A 393 9.34 18.91 -35.44
N ASN A 394 9.88 20.00 -34.92
CA ASN A 394 11.03 20.64 -35.53
C ASN A 394 11.93 21.12 -34.42
N HIS A 395 12.34 20.21 -33.54
CA HIS A 395 13.09 20.62 -32.35
C HIS A 395 14.53 20.98 -32.66
N GLY A 396 14.94 22.14 -32.18
CA GLY A 396 16.27 22.68 -32.44
C GLY A 396 17.40 21.70 -32.20
N ASP A 397 17.20 20.78 -31.26
CA ASP A 397 18.26 19.87 -30.84
C ASP A 397 18.06 18.44 -31.31
N LEU A 398 17.21 18.22 -32.32
CA LEU A 398 16.94 16.86 -32.79
C LEU A 398 17.26 16.70 -34.27
N PRO A 399 17.96 15.60 -34.62
CA PRO A 399 18.20 15.27 -36.04
C PRO A 399 16.90 14.88 -36.73
N ARG A 400 16.81 15.08 -38.04
CA ARG A 400 15.53 14.95 -38.75
C ARG A 400 14.77 13.63 -38.45
N GLU A 401 15.48 12.50 -38.50
CA GLU A 401 14.83 11.19 -38.38
C GLU A 401 14.38 10.90 -36.95
N ARG A 402 14.80 11.75 -36.02
CA ARG A 402 14.32 11.69 -34.63
C ARG A 402 13.15 12.63 -34.36
N GLN A 403 12.60 13.27 -35.39
CA GLN A 403 11.43 14.13 -35.17
C GLN A 403 10.21 13.23 -35.18
N ALA A 404 9.11 13.75 -34.69
CA ALA A 404 7.88 12.98 -34.71
C ALA A 404 6.90 13.51 -35.74
N THR A 405 6.12 12.62 -36.33
CA THR A 405 5.11 13.01 -37.30
C THR A 405 3.84 12.18 -37.19
N LYS A 406 2.73 12.76 -37.62
CA LYS A 406 1.50 11.99 -37.78
C LYS A 406 0.60 12.69 -38.78
N SER A 407 -0.32 11.93 -39.39
CA SER A 407 -1.16 12.50 -40.42
C SER A 407 -2.65 12.33 -40.16
N MET A 408 -3.43 13.26 -40.68
CA MET A 408 -4.87 13.18 -40.60
C MET A 408 -5.42 13.83 -41.86
N THR A 409 -6.72 13.67 -42.06
CA THR A 409 -7.45 14.28 -43.15
C THR A 409 -8.79 14.73 -42.57
N ALA A 410 -9.11 16.01 -42.65
CA ALA A 410 -10.42 16.48 -42.22
C ALA A 410 -11.34 16.53 -43.42
N ILE A 411 -12.63 16.31 -43.20
CA ILE A 411 -13.61 16.32 -44.30
C ILE A 411 -14.66 17.44 -44.13
N ALA A 412 -15.14 17.99 -45.26
CA ALA A 412 -15.95 19.21 -45.23
C ALA A 412 -17.36 19.03 -44.67
N TYR A 413 -17.76 19.98 -43.83
CA TYR A 413 -19.12 20.07 -43.32
C TYR A 413 -20.13 20.20 -44.45
N GLN A 414 -20.99 19.20 -44.55
CA GLN A 414 -22.03 19.19 -45.55
C GLN A 414 -23.13 20.18 -45.16
N THR A 415 -23.30 21.18 -46.02
CA THR A 415 -24.35 22.18 -45.95
C THR A 415 -25.72 21.52 -46.18
N GLN A 416 -26.78 22.04 -45.55
CA GLN A 416 -28.16 21.48 -45.67
C GLN A 416 -28.82 21.74 -47.03
N GLY A 417 -28.83 20.72 -47.88
CA GLY A 417 -29.39 20.84 -49.22
C GLY A 417 -28.53 21.65 -50.15
N GLY A 418 -27.22 21.45 -50.07
CA GLY A 418 -26.22 22.19 -50.88
C GLY A 418 -26.33 23.72 -50.86
N SER A 419 -26.81 24.27 -49.76
CA SER A 419 -27.05 25.71 -49.65
C SER A 419 -25.77 26.56 -49.65
N GLY A 420 -24.65 25.99 -49.23
CA GLY A 420 -23.41 26.77 -49.08
C GLY A 420 -23.37 27.66 -47.82
N ASN A 421 -24.30 27.44 -46.89
CA ASN A 421 -24.37 28.17 -45.60
C ASN A 421 -23.58 27.52 -44.45
N TYR A 422 -22.70 28.29 -43.82
CA TYR A 422 -21.81 27.77 -42.78
C TYR A 422 -21.91 28.59 -41.48
N LEU A 423 -21.39 27.98 -40.41
CA LEU A 423 -21.15 28.64 -39.13
C LEU A 423 -19.81 28.19 -38.57
N HIS A 424 -19.00 29.14 -38.12
CA HIS A 424 -17.77 28.86 -37.37
C HIS A 424 -17.65 29.63 -36.06
N VAL A 425 -17.40 28.90 -34.98
CA VAL A 425 -17.13 29.53 -33.71
C VAL A 425 -15.62 29.59 -33.50
N ALA A 426 -15.10 30.79 -33.20
CA ALA A 426 -13.66 31.00 -33.11
C ALA A 426 -13.16 31.42 -31.73
N ILE A 427 -12.10 30.76 -31.27
CA ILE A 427 -11.42 31.08 -30.01
C ILE A 427 -9.90 31.18 -30.23
N THR A 428 -9.32 32.30 -29.82
CA THR A 428 -7.87 32.51 -29.95
C THR A 428 -7.15 32.36 -28.61
N SER A 429 -7.92 32.44 -27.53
CA SER A 429 -7.37 32.41 -26.18
C SER A 429 -6.87 31.01 -25.80
N THR A 430 -5.77 30.97 -25.06
CA THR A 430 -5.06 29.73 -24.79
C THR A 430 -4.98 29.49 -23.29
N GLU A 431 -4.73 28.24 -22.91
CA GLU A 431 -4.64 27.83 -21.50
C GLU A 431 -5.70 28.48 -20.64
N ILE A 432 -6.95 28.09 -20.84
CA ILE A 432 -8.08 28.77 -20.21
C ILE A 432 -8.25 28.38 -18.73
N LYS A 433 -8.37 29.40 -17.89
CA LYS A 433 -8.57 29.22 -16.45
C LYS A 433 -9.81 29.99 -15.97
N PRO A 434 -10.47 29.49 -14.92
CA PRO A 434 -11.57 30.26 -14.36
C PRO A 434 -11.07 31.60 -13.84
N GLY A 435 -11.88 32.64 -14.08
CA GLY A 435 -11.48 34.00 -13.80
C GLY A 435 -11.45 34.80 -15.09
N ASP A 436 -11.20 34.15 -16.22
CA ASP A 436 -10.97 34.84 -17.50
C ASP A 436 -12.25 35.35 -18.18
N ASN A 437 -12.08 36.32 -19.07
CA ASN A 437 -13.13 36.73 -19.98
C ASN A 437 -12.71 36.42 -21.39
N LEU A 438 -13.41 35.48 -21.98
CA LEU A 438 -13.02 34.89 -23.22
C LEU A 438 -13.89 35.39 -24.37
N PRO A 439 -13.25 36.06 -25.36
CA PRO A 439 -13.96 36.47 -26.57
C PRO A 439 -14.41 35.23 -27.28
N VAL A 440 -15.68 35.16 -27.64
CA VAL A 440 -16.17 34.10 -28.52
C VAL A 440 -16.79 34.69 -29.80
N ASN A 441 -16.23 34.31 -30.95
CA ASN A 441 -16.63 34.84 -32.24
C ASN A 441 -17.66 33.94 -32.93
N PHE A 442 -18.72 34.54 -33.46
CA PHE A 442 -19.60 33.86 -34.39
C PHE A 442 -19.24 34.30 -35.83
N ASN A 443 -18.64 33.40 -36.60
CA ASN A 443 -18.29 33.68 -37.99
C ASN A 443 -19.19 32.99 -38.98
N VAL A 444 -19.91 33.80 -39.76
CA VAL A 444 -20.92 33.30 -40.64
C VAL A 444 -20.51 33.53 -42.10
N LYS A 445 -20.91 32.60 -42.97
CA LYS A 445 -20.59 32.62 -44.39
C LYS A 445 -21.66 31.88 -45.17
N GLY A 446 -22.15 32.48 -46.26
CA GLY A 446 -23.14 31.82 -47.13
C GLY A 446 -23.72 32.77 -48.17
N ASN A 447 -24.86 32.39 -48.75
CA ASN A 447 -25.39 33.24 -49.80
C ASN A 447 -26.09 34.51 -49.27
N ALA A 448 -25.83 35.62 -49.95
CA ALA A 448 -26.33 36.96 -49.56
C ALA A 448 -27.80 37.00 -49.16
N ASN A 449 -28.61 36.17 -49.81
CA ASN A 449 -30.05 36.11 -49.56
C ASN A 449 -30.38 35.54 -48.17
N SER A 450 -29.81 34.39 -47.83
CA SER A 450 -29.99 33.76 -46.52
C SER A 450 -29.36 34.57 -45.38
N LEU A 451 -28.13 35.05 -45.58
CA LEU A 451 -27.42 35.83 -44.56
C LEU A 451 -28.24 37.01 -44.01
N LYS A 452 -28.91 37.73 -44.91
CA LYS A 452 -29.77 38.86 -44.52
C LYS A 452 -30.96 38.45 -43.65
N GLN A 453 -31.04 37.18 -43.29
CA GLN A 453 -32.13 36.65 -42.46
C GLN A 453 -31.72 36.23 -41.05
N ILE A 454 -30.42 36.10 -40.81
CA ILE A 454 -29.91 35.66 -39.51
C ILE A 454 -30.08 36.79 -38.52
N LYS A 455 -31.05 36.64 -37.62
CA LYS A 455 -31.39 37.71 -36.68
C LYS A 455 -30.78 37.53 -35.29
N TYR A 456 -30.44 36.30 -34.94
CA TYR A 456 -29.83 35.99 -33.66
C TYR A 456 -29.02 34.73 -33.82
N PHE A 457 -28.27 34.37 -32.77
CA PHE A 457 -27.61 33.06 -32.65
C PHE A 457 -28.04 32.41 -31.33
N THR A 458 -28.15 31.09 -31.35
CA THR A 458 -28.45 30.32 -30.16
C THR A 458 -27.20 29.56 -29.76
N TYR A 459 -26.81 29.67 -28.48
CA TYR A 459 -25.63 28.96 -27.94
C TYR A 459 -25.89 28.15 -26.68
N LEU A 460 -25.11 27.09 -26.50
CA LEU A 460 -25.29 26.17 -25.40
C LEU A 460 -23.94 25.88 -24.77
N ILE A 461 -23.85 26.03 -23.46
CA ILE A 461 -22.62 25.68 -22.77
C ILE A 461 -22.83 24.34 -22.08
N LEU A 462 -21.95 23.40 -22.36
CA LEU A 462 -22.10 22.06 -21.82
C LEU A 462 -20.93 21.77 -20.91
N ASN A 463 -21.25 21.32 -19.70
CA ASN A 463 -20.24 20.91 -18.77
C ASN A 463 -20.68 19.66 -17.99
N LYS A 464 -19.78 18.67 -17.91
CA LYS A 464 -20.02 17.42 -17.17
C LYS A 464 -21.24 16.63 -17.64
N GLY A 465 -21.60 16.81 -18.91
CA GLY A 465 -22.63 16.01 -19.56
C GLY A 465 -24.04 16.55 -19.46
N LYS A 466 -24.17 17.75 -18.91
CA LYS A 466 -25.47 18.37 -18.72
C LYS A 466 -25.36 19.71 -19.41
N ILE A 467 -26.49 20.23 -19.86
CA ILE A 467 -26.48 21.55 -20.44
C ILE A 467 -26.51 22.60 -19.34
N PHE A 468 -25.43 23.36 -19.27
CA PHE A 468 -25.16 24.28 -18.17
C PHE A 468 -25.91 25.59 -18.33
N LYS A 469 -25.62 26.31 -19.40
CA LYS A 469 -26.24 27.60 -19.65
C LYS A 469 -26.61 27.77 -21.12
N VAL A 470 -27.58 28.65 -21.41
CA VAL A 470 -28.05 28.93 -22.77
C VAL A 470 -28.32 30.42 -22.86
N GLY A 471 -27.96 31.06 -23.97
CA GLY A 471 -28.24 32.48 -24.16
C GLY A 471 -28.38 32.84 -25.63
N ARG A 472 -28.75 34.09 -25.91
CA ARG A 472 -28.93 34.57 -27.29
C ARG A 472 -27.97 35.71 -27.67
N GLN A 473 -27.63 35.76 -28.94
CA GLN A 473 -26.70 36.74 -29.43
C GLN A 473 -27.29 37.42 -30.66
N PRO A 474 -27.69 38.69 -30.53
CA PRO A 474 -28.30 39.35 -31.68
C PRO A 474 -27.32 39.51 -32.81
N ARG A 475 -27.78 39.34 -34.04
CA ARG A 475 -26.97 39.75 -35.16
C ARG A 475 -27.73 40.82 -35.91
N ARG A 476 -27.08 41.95 -36.18
CA ARG A 476 -27.63 42.99 -37.04
C ARG A 476 -27.19 42.70 -38.48
N ASP A 477 -27.86 43.30 -39.47
CA ASP A 477 -27.51 42.97 -40.87
C ASP A 477 -26.15 43.49 -41.29
N GLY A 478 -25.40 42.67 -41.99
CA GLY A 478 -24.09 43.03 -42.46
C GLY A 478 -23.05 42.37 -41.58
N GLN A 479 -23.44 42.07 -40.34
CA GLN A 479 -22.54 41.49 -39.36
C GLN A 479 -22.25 40.00 -39.61
N ASN A 480 -21.19 39.72 -40.34
CA ASN A 480 -20.72 38.35 -40.57
C ASN A 480 -19.63 37.91 -39.57
N LEU A 481 -19.20 38.87 -38.76
CA LEU A 481 -18.32 38.59 -37.64
C LEU A 481 -18.98 39.17 -36.37
N VAL A 482 -19.38 38.32 -35.44
CA VAL A 482 -20.01 38.82 -34.21
C VAL A 482 -19.26 38.30 -32.99
N THR A 483 -18.77 39.22 -32.19
CA THR A 483 -18.03 38.79 -31.02
C THR A 483 -18.77 39.09 -29.72
N MET A 484 -18.77 38.12 -28.82
CA MET A 484 -19.39 38.26 -27.51
C MET A 484 -18.43 37.78 -26.42
N ASN A 485 -18.79 38.03 -25.16
CA ASN A 485 -17.90 37.67 -24.06
C ASN A 485 -18.43 36.52 -23.22
N LEU A 486 -17.53 35.59 -22.92
CA LEU A 486 -17.85 34.51 -22.00
C LEU A 486 -16.95 34.54 -20.75
N HIS A 487 -17.57 34.78 -19.59
CA HIS A 487 -16.84 34.81 -18.32
C HIS A 487 -16.78 33.43 -17.72
N ILE A 488 -15.57 32.94 -17.48
CA ILE A 488 -15.37 31.57 -17.04
C ILE A 488 -15.31 31.46 -15.50
N THR A 489 -16.23 30.66 -14.93
CA THR A 489 -16.26 30.37 -13.50
C THR A 489 -15.72 28.95 -13.29
N PRO A 490 -15.50 28.53 -12.02
CA PRO A 490 -15.09 27.15 -11.71
C PRO A 490 -16.14 26.08 -12.06
N ASP A 491 -17.35 26.51 -12.37
CA ASP A 491 -18.39 25.60 -12.83
C ASP A 491 -18.04 24.91 -14.14
N LEU A 492 -17.14 25.51 -14.92
CA LEU A 492 -16.71 24.96 -16.20
C LEU A 492 -15.51 24.01 -16.11
N ILE A 493 -15.09 23.66 -14.91
CA ILE A 493 -13.99 22.73 -14.75
C ILE A 493 -14.60 21.36 -14.99
N PRO A 494 -13.87 20.44 -15.65
CA PRO A 494 -12.51 20.48 -16.18
C PRO A 494 -12.40 20.97 -17.63
N SER A 495 -13.53 21.14 -18.29
CA SER A 495 -13.64 21.53 -19.71
C SER A 495 -15.09 21.70 -20.00
N PHE A 496 -15.39 22.54 -20.97
CA PHE A 496 -16.76 22.69 -21.42
C PHE A 496 -16.84 22.63 -22.95
N ARG A 497 -18.05 22.42 -23.48
CA ARG A 497 -18.25 22.54 -24.91
C ARG A 497 -19.10 23.76 -25.20
N PHE A 498 -18.73 24.47 -26.25
CA PHE A 498 -19.53 25.58 -26.72
C PHE A 498 -20.17 25.21 -28.04
N VAL A 499 -21.49 25.08 -28.05
CA VAL A 499 -22.22 24.80 -29.30
C VAL A 499 -23.26 25.86 -29.62
N ALA A 500 -23.31 26.22 -30.90
CA ALA A 500 -24.15 27.31 -31.39
C ALA A 500 -24.83 26.92 -32.71
N TYR A 501 -25.98 27.54 -32.97
CA TYR A 501 -26.64 27.40 -34.27
C TYR A 501 -27.48 28.61 -34.64
N TYR A 502 -27.56 28.89 -35.93
CA TYR A 502 -28.61 29.75 -36.45
C TYR A 502 -29.56 28.97 -37.35
N GLN A 503 -30.72 29.57 -37.58
CA GLN A 503 -31.73 28.98 -38.46
C GLN A 503 -32.15 29.96 -39.57
N VAL A 504 -32.27 29.44 -40.80
CA VAL A 504 -32.71 30.24 -41.94
C VAL A 504 -34.14 29.90 -42.40
N GLY A 505 -34.99 30.92 -42.40
CA GLY A 505 -36.37 30.81 -42.91
C GLY A 505 -37.15 29.62 -42.39
N ASN A 506 -37.02 29.39 -41.08
CA ASN A 506 -37.75 28.36 -40.37
C ASN A 506 -37.69 26.91 -40.87
N ASN A 507 -36.62 26.52 -41.59
CA ASN A 507 -36.32 25.07 -41.75
C ASN A 507 -34.85 24.63 -41.97
N GLU A 508 -33.96 25.58 -42.23
CA GLU A 508 -32.52 25.26 -42.28
C GLU A 508 -31.79 25.60 -40.98
N ILE A 509 -31.05 24.62 -40.45
CA ILE A 509 -30.24 24.83 -39.28
C ILE A 509 -28.76 24.72 -39.61
N VAL A 510 -27.98 25.69 -39.15
CA VAL A 510 -26.53 25.68 -39.38
C VAL A 510 -25.76 25.72 -38.06
N ALA A 511 -24.92 24.72 -37.80
CA ALA A 511 -24.34 24.58 -36.47
C ALA A 511 -22.82 24.27 -36.39
N ASP A 512 -22.23 24.62 -35.26
CA ASP A 512 -20.83 24.38 -35.02
C ASP A 512 -20.63 24.13 -33.54
N SER A 513 -19.52 23.48 -33.19
CA SER A 513 -19.16 23.33 -31.79
C SER A 513 -17.65 23.29 -31.68
N VAL A 514 -17.18 23.58 -30.47
CA VAL A 514 -15.78 23.61 -30.18
C VAL A 514 -15.60 23.06 -28.76
N TRP A 515 -14.45 22.43 -28.50
CA TRP A 515 -14.12 21.90 -27.16
C TRP A 515 -13.07 22.75 -26.47
N VAL A 516 -13.40 23.26 -25.28
CA VAL A 516 -12.48 24.12 -24.54
C VAL A 516 -12.03 23.50 -23.22
N ASP A 517 -10.74 23.27 -23.10
CA ASP A 517 -10.14 22.77 -21.88
C ASP A 517 -10.09 23.90 -20.84
N VAL A 518 -10.25 23.55 -19.56
CA VAL A 518 -10.14 24.51 -18.46
C VAL A 518 -9.15 23.92 -17.48
N LYS A 519 -8.39 24.78 -16.80
CA LYS A 519 -7.33 24.31 -15.90
C LYS A 519 -7.93 23.46 -14.77
N ASP A 520 -7.38 22.27 -14.52
CA ASP A 520 -7.97 21.37 -13.54
C ASP A 520 -7.49 21.65 -12.11
N THR A 521 -8.13 22.58 -11.42
CA THR A 521 -7.90 22.73 -9.99
C THR A 521 -9.11 22.21 -9.19
N CYS A 522 -9.06 22.42 -7.88
CA CYS A 522 -10.24 22.20 -7.07
C CYS A 522 -11.22 23.27 -7.44
N MET A 523 -12.49 22.97 -7.28
CA MET A 523 -13.49 23.97 -7.54
C MET A 523 -13.40 25.06 -6.48
N GLY A 524 -13.29 24.62 -5.21
CA GLY A 524 -13.00 25.51 -4.09
C GLY A 524 -11.53 25.47 -3.68
N THR A 525 -11.30 25.37 -2.36
CA THR A 525 -9.99 25.53 -1.76
C THR A 525 -9.85 24.65 -0.53
N LEU A 526 -8.70 24.00 -0.41
CA LEU A 526 -8.35 23.26 0.78
C LEU A 526 -6.83 23.20 0.98
N VAL A 527 -6.37 23.81 2.06
CA VAL A 527 -4.95 23.79 2.46
C VAL A 527 -4.83 23.28 3.92
N VAL A 528 -3.77 22.53 4.19
CA VAL A 528 -3.39 22.15 5.54
C VAL A 528 -2.07 22.84 5.91
N LYS A 529 -2.17 23.88 6.74
CA LYS A 529 -1.02 24.71 7.11
C LYS A 529 -0.34 24.27 8.42
N GLY A 530 0.99 24.31 8.41
CA GLY A 530 1.78 23.99 9.59
C GLY A 530 3.12 24.71 9.67
N ASP A 531 3.81 24.55 10.79
CA ASP A 531 5.06 25.26 11.09
C ASP A 531 6.30 24.66 10.41
N ASN A 532 6.31 23.35 10.21
CA ASN A 532 7.43 22.66 9.57
C ASN A 532 8.68 22.67 10.41
N LEU A 533 8.57 22.11 11.62
CA LEU A 533 9.76 21.90 12.45
C LEU A 533 9.82 20.45 12.96
N ILE A 534 11.03 19.94 13.10
CA ILE A 534 11.24 18.55 13.53
C ILE A 534 10.68 18.41 14.95
N GLN A 535 9.98 17.30 15.17
CA GLN A 535 9.16 17.11 16.35
C GLN A 535 9.56 15.85 17.08
N MET A 536 8.90 15.58 18.21
CA MET A 536 9.26 14.48 19.08
C MET A 536 8.08 13.57 19.41
N PRO A 537 8.32 12.26 19.51
CA PRO A 537 7.21 11.35 19.77
C PRO A 537 6.39 11.78 20.98
N GLY A 538 5.16 12.22 20.75
CA GLY A 538 4.27 12.64 21.84
C GLY A 538 4.03 14.14 21.88
N ALA A 539 4.87 14.89 21.17
CA ALA A 539 4.83 16.35 21.17
C ALA A 539 3.47 16.87 20.73
N ALA A 540 3.03 17.94 21.38
CA ALA A 540 1.80 18.62 21.04
C ALA A 540 1.93 19.25 19.68
N MET A 541 0.98 18.92 18.81
CA MET A 541 0.89 19.49 17.47
C MET A 541 -0.36 20.36 17.32
N LYS A 542 -0.29 21.31 16.41
CA LYS A 542 -1.37 22.26 16.16
C LYS A 542 -1.38 22.53 14.63
N ILE A 543 -2.41 22.05 13.93
CA ILE A 543 -2.48 22.28 12.46
C ILE A 543 -3.67 23.15 12.05
N LYS A 544 -3.55 23.81 10.91
CA LYS A 544 -4.61 24.72 10.48
C LYS A 544 -5.24 24.25 9.17
N LEU A 545 -6.55 24.41 9.08
CA LEU A 545 -7.33 23.98 7.92
C LEU A 545 -8.00 25.20 7.34
N GLU A 546 -7.63 25.52 6.10
CA GLU A 546 -8.24 26.62 5.39
C GLU A 546 -9.08 26.04 4.26
N GLY A 547 -10.36 26.35 4.28
CA GLY A 547 -11.28 25.79 3.31
C GLY A 547 -12.46 26.70 3.13
N ASP A 548 -13.52 26.16 2.52
CA ASP A 548 -14.71 26.94 2.17
C ASP A 548 -15.69 26.89 3.33
N PRO A 549 -16.47 27.97 3.54
CA PRO A 549 -17.36 27.94 4.70
C PRO A 549 -18.38 26.82 4.55
N GLY A 550 -18.53 26.05 5.63
CA GLY A 550 -19.47 24.94 5.62
C GLY A 550 -18.95 23.65 5.03
N ALA A 551 -17.63 23.53 4.87
CA ALA A 551 -17.06 22.31 4.27
C ALA A 551 -16.91 21.12 5.24
N ARG A 552 -17.23 19.91 4.78
CA ARG A 552 -16.88 18.72 5.52
C ARG A 552 -15.54 18.22 5.01
N VAL A 553 -14.56 18.27 5.89
CA VAL A 553 -13.18 17.91 5.60
C VAL A 553 -12.85 16.57 6.27
N GLY A 554 -12.24 15.67 5.52
CA GLY A 554 -11.87 14.37 6.07
C GLY A 554 -10.37 14.22 6.14
N LEU A 555 -9.86 13.81 7.31
CA LEU A 555 -8.44 13.81 7.53
C LEU A 555 -7.89 12.43 7.77
N VAL A 556 -6.61 12.28 7.54
CA VAL A 556 -5.92 11.04 7.87
C VAL A 556 -4.42 11.35 7.95
N ALA A 557 -3.74 10.66 8.84
CA ALA A 557 -2.30 10.69 8.92
C ALA A 557 -1.78 9.28 8.70
N VAL A 558 -0.85 9.17 7.76
CA VAL A 558 -0.26 7.91 7.35
C VAL A 558 1.29 7.95 7.50
N ASP A 559 1.86 6.89 8.08
CA ASP A 559 3.30 6.75 8.21
C ASP A 559 3.83 6.75 6.78
N LYS A 560 4.77 7.65 6.47
CA LYS A 560 5.31 7.79 5.10
C LYS A 560 5.82 6.48 4.58
N ALA A 561 6.08 5.56 5.48
CA ALA A 561 6.61 4.26 5.10
C ALA A 561 5.57 3.49 4.29
N VAL A 562 4.31 3.88 4.41
CA VAL A 562 3.25 3.25 3.62
C VAL A 562 3.23 3.69 2.13
N TYR A 563 3.51 4.96 1.83
CA TYR A 563 3.67 5.38 0.42
C TYR A 563 4.82 4.66 -0.31
N VAL A 564 5.94 4.47 0.39
CA VAL A 564 7.10 3.71 -0.11
C VAL A 564 6.65 2.41 -0.81
N LEU A 565 5.74 1.69 -0.13
CA LEU A 565 5.30 0.37 -0.57
C LEU A 565 4.24 0.38 -1.69
N ASN A 566 3.40 1.41 -1.75
CA ASN A 566 2.34 1.47 -2.76
C ASN A 566 1.75 2.85 -2.78
N ASP A 567 1.50 3.37 -3.97
CA ASP A 567 0.94 4.71 -4.10
C ASP A 567 0.20 4.95 -5.40
N LYS A 568 -0.30 3.89 -6.01
CA LYS A 568 -0.91 4.01 -7.35
C LYS A 568 -2.43 3.94 -7.24
N TYR A 569 -2.90 3.61 -6.04
CA TYR A 569 -4.32 3.42 -5.75
C TYR A 569 -4.92 4.64 -5.11
N LYS A 570 -4.06 5.57 -4.69
CA LYS A 570 -4.53 6.68 -3.87
C LYS A 570 -5.36 7.67 -4.70
N ILE A 571 -6.32 8.30 -4.03
CA ILE A 571 -7.12 9.35 -4.60
C ILE A 571 -6.32 10.65 -4.73
N SER A 572 -6.67 11.46 -5.72
CA SER A 572 -5.99 12.73 -5.99
C SER A 572 -6.92 13.58 -6.82
N GLN A 573 -6.67 14.89 -6.85
CA GLN A 573 -7.55 15.75 -7.61
C GLN A 573 -7.51 15.40 -9.10
N ALA A 574 -6.31 15.07 -9.61
CA ALA A 574 -6.11 14.79 -11.03
C ALA A 574 -6.91 13.56 -11.50
N LYS A 575 -7.11 12.61 -10.60
CA LYS A 575 -7.82 11.38 -10.90
C LYS A 575 -9.30 11.67 -10.90
N ILE A 576 -9.71 12.62 -10.07
CA ILE A 576 -11.12 13.00 -10.01
C ILE A 576 -11.54 13.61 -11.33
N TRP A 577 -10.74 14.56 -11.80
CA TRP A 577 -11.01 15.22 -13.07
C TRP A 577 -10.81 14.30 -14.26
N ASP A 578 -9.90 13.33 -14.16
CA ASP A 578 -9.67 12.40 -15.26
C ASP A 578 -10.94 11.60 -15.58
N THR A 579 -11.52 11.01 -14.52
CA THR A 579 -12.60 10.05 -14.63
C THR A 579 -13.87 10.76 -15.09
N ILE A 580 -14.05 11.98 -14.55
CA ILE A 580 -15.17 12.83 -14.92
C ILE A 580 -15.12 13.18 -16.44
N GLU A 581 -13.93 13.50 -16.97
CA GLU A 581 -13.73 13.73 -18.41
C GLU A 581 -14.00 12.47 -19.22
N LYS A 582 -13.40 11.35 -18.81
CA LYS A 582 -13.56 10.08 -19.49
C LYS A 582 -15.03 9.64 -19.65
N SER A 583 -15.94 10.38 -19.03
CA SER A 583 -17.35 10.02 -19.06
C SER A 583 -18.20 11.13 -19.66
N ASP A 584 -17.51 12.05 -20.33
CA ASP A 584 -18.12 13.03 -21.22
C ASP A 584 -18.95 12.32 -22.31
N PHE A 585 -20.17 12.79 -22.51
CA PHE A 585 -21.05 12.24 -23.57
C PHE A 585 -20.69 12.69 -24.98
N GLY A 586 -19.95 13.79 -25.09
CA GLY A 586 -19.35 14.20 -26.37
C GLY A 586 -18.09 13.44 -26.69
N CYS A 587 -17.87 13.14 -27.95
CA CYS A 587 -16.83 12.21 -28.33
C CYS A 587 -15.78 12.80 -29.23
N THR A 588 -15.95 14.07 -29.57
CA THR A 588 -15.22 14.67 -30.68
C THR A 588 -14.68 16.04 -30.30
N ALA A 589 -13.70 16.54 -31.02
CA ALA A 589 -13.21 17.87 -30.72
C ALA A 589 -14.06 18.98 -31.34
N GLY A 590 -15.18 18.61 -31.98
CA GLY A 590 -16.12 19.60 -32.51
C GLY A 590 -16.48 19.58 -33.99
N SER A 591 -17.32 20.54 -34.39
CA SER A 591 -17.96 20.61 -35.70
C SER A 591 -18.63 19.24 -35.99
N GLY A 592 -18.79 18.88 -37.26
CA GLY A 592 -19.39 17.60 -37.65
C GLY A 592 -19.59 17.39 -39.14
N GLN A 593 -20.11 16.20 -39.49
CA GLN A 593 -20.52 15.86 -40.86
C GLN A 593 -21.51 16.88 -41.39
N ASN A 594 -22.48 17.23 -40.54
CA ASN A 594 -23.52 18.19 -40.88
C ASN A 594 -24.19 18.66 -39.61
N ASN A 595 -25.26 19.44 -39.76
CA ASN A 595 -26.03 19.89 -38.62
C ASN A 595 -26.23 18.80 -37.57
N LEU A 596 -26.86 17.70 -37.98
CA LEU A 596 -27.07 16.52 -37.13
C LEU A 596 -25.84 15.99 -36.38
N GLY A 597 -24.72 15.88 -37.10
CA GLY A 597 -23.48 15.37 -36.51
C GLY A 597 -22.84 16.31 -35.51
N VAL A 598 -22.99 17.63 -35.74
CA VAL A 598 -22.49 18.62 -34.79
C VAL A 598 -23.10 18.34 -33.42
N PHE A 599 -24.42 18.18 -33.38
CA PHE A 599 -25.10 17.85 -32.12
C PHE A 599 -24.73 16.47 -31.58
N GLU A 600 -24.71 15.48 -32.46
CA GLU A 600 -24.42 14.11 -32.06
C GLU A 600 -23.06 14.02 -31.43
N ASP A 601 -22.05 14.57 -32.11
CA ASP A 601 -20.67 14.48 -31.64
C ASP A 601 -20.43 15.26 -30.34
N ALA A 602 -21.25 16.26 -30.06
CA ALA A 602 -21.12 17.06 -28.84
C ALA A 602 -21.95 16.53 -27.69
N GLY A 603 -22.57 15.37 -27.88
CA GLY A 603 -23.44 14.81 -26.87
C GLY A 603 -24.80 15.49 -26.74
N LEU A 604 -25.42 15.83 -27.87
CA LEU A 604 -26.78 16.34 -27.83
C LEU A 604 -27.82 15.57 -28.65
N ALA A 605 -29.05 15.73 -28.19
CA ALA A 605 -30.23 15.28 -28.90
C ALA A 605 -30.94 16.49 -29.46
N LEU A 606 -31.47 16.33 -30.67
CA LEU A 606 -32.29 17.35 -31.35
C LEU A 606 -33.49 16.73 -32.08
N THR A 607 -34.66 17.37 -31.94
CA THR A 607 -35.84 17.09 -32.79
C THR A 607 -36.49 18.42 -33.14
N THR A 608 -36.86 18.59 -34.41
CA THR A 608 -37.61 19.78 -34.83
C THR A 608 -38.98 19.38 -35.33
N SER A 609 -39.80 20.38 -35.67
CA SER A 609 -41.14 20.14 -36.20
C SER A 609 -41.09 19.67 -37.66
N THR A 610 -39.95 19.89 -38.32
CA THR A 610 -39.73 19.35 -39.67
C THR A 610 -38.89 18.07 -39.64
N ASN A 611 -39.02 17.33 -38.56
CA ASN A 611 -38.27 16.09 -38.31
C ASN A 611 -36.76 16.04 -38.64
N LEU A 612 -36.03 17.11 -38.29
CA LEU A 612 -34.56 17.07 -38.26
C LEU A 612 -34.15 16.36 -36.97
N ASN A 613 -33.93 15.06 -37.04
CA ASN A 613 -33.69 14.28 -35.83
C ASN A 613 -32.29 13.66 -35.76
N THR A 614 -31.61 13.84 -34.62
CA THR A 614 -30.32 13.19 -34.39
C THR A 614 -30.55 11.70 -34.24
N LYS A 615 -29.65 10.90 -34.79
CA LYS A 615 -29.84 9.46 -34.76
C LYS A 615 -29.79 8.96 -33.32
N GLN A 616 -30.14 7.71 -33.09
CA GLN A 616 -30.15 7.19 -31.74
C GLN A 616 -28.74 6.87 -31.28
N ARG A 617 -28.45 7.23 -30.05
CA ARG A 617 -27.14 6.98 -29.44
C ARG A 617 -26.97 5.48 -29.16
N SER A 618 -26.00 4.88 -29.84
CA SER A 618 -25.71 3.45 -29.67
C SER A 618 -25.36 3.09 -28.20
N ALA A 619 -24.15 3.46 -27.74
CA ALA A 619 -23.72 3.19 -26.36
C ALA A 619 -23.49 4.48 -25.58
N ALA A 620 -23.67 4.44 -24.26
CA ALA A 620 -23.39 5.61 -23.42
C ALA A 620 -21.90 5.99 -23.37
N LYS A 621 -21.03 4.98 -23.37
CA LYS A 621 -19.57 5.15 -23.44
C LYS A 621 -19.15 5.46 -24.88
N CYS A 622 -18.36 6.52 -25.06
CA CYS A 622 -18.03 7.04 -26.40
C CYS A 622 -17.52 6.01 -27.43
N PRO A 623 -18.17 5.97 -28.61
CA PRO A 623 -17.65 5.25 -29.78
C PRO A 623 -16.14 5.40 -29.93
N PHE B 7 24.80 7.30 33.79
CA PHE B 7 23.76 6.31 33.35
C PHE B 7 22.49 6.34 34.21
N ILE B 8 21.48 7.09 33.75
CA ILE B 8 20.16 7.16 34.38
C ILE B 8 19.48 5.80 34.39
N ALA B 9 18.65 5.56 35.41
CA ALA B 9 17.99 4.26 35.60
C ALA B 9 16.98 3.97 34.48
N ASP B 10 16.90 2.69 34.11
CA ASP B 10 15.94 2.26 33.11
C ASP B 10 14.52 2.38 33.67
N SER B 11 14.43 2.69 34.96
CA SER B 11 13.16 3.02 35.60
C SER B 11 12.61 4.36 35.10
N ASP B 12 13.52 5.20 34.63
CA ASP B 12 13.17 6.54 34.18
C ASP B 12 12.63 6.52 32.74
N ILE B 13 13.38 5.90 31.82
CA ILE B 13 13.00 5.80 30.40
C ILE B 13 11.79 4.87 30.14
N ILE B 14 10.68 5.45 29.69
CA ILE B 14 9.52 4.65 29.30
C ILE B 14 9.56 4.40 27.79
N SER B 15 9.77 3.14 27.43
CA SER B 15 9.97 2.77 26.05
C SER B 15 8.75 3.08 25.18
N ARG B 16 9.00 3.77 24.06
CA ARG B 16 8.01 3.99 23.01
C ARG B 16 7.43 2.67 22.49
N SER B 17 6.14 2.66 22.15
CA SER B 17 5.47 1.43 21.72
C SER B 17 4.26 1.64 20.81
N ASP B 18 3.84 2.91 20.64
CA ASP B 18 2.61 3.21 19.94
C ASP B 18 2.92 3.54 18.49
N PHE B 19 2.98 2.51 17.65
CA PHE B 19 3.32 2.72 16.22
C PHE B 19 2.20 2.38 15.23
N PRO B 20 1.18 3.24 15.11
CA PRO B 20 0.12 2.89 14.20
C PRO B 20 0.59 3.15 12.77
N LYS B 21 0.05 2.41 11.81
CA LYS B 21 0.43 2.66 10.43
C LYS B 21 -0.45 3.78 9.87
N SER B 22 -1.50 4.14 10.61
CA SER B 22 -2.37 5.25 10.22
C SER B 22 -3.28 5.63 11.38
N TRP B 23 -3.64 6.91 11.42
CA TRP B 23 -4.47 7.43 12.49
C TRP B 23 -5.00 8.81 12.07
N LEU B 24 -5.60 9.53 13.01
CA LEU B 24 -6.23 10.81 12.75
C LEU B 24 -7.39 10.68 11.78
N TRP B 25 -8.02 9.51 11.78
CA TRP B 25 -9.17 9.26 10.92
C TRP B 25 -10.38 10.02 11.45
N LEU B 26 -10.40 11.33 11.21
CA LEU B 26 -11.49 12.17 11.69
C LEU B 26 -12.10 12.99 10.56
N THR B 27 -13.31 13.48 10.83
CA THR B 27 -14.06 14.35 9.93
C THR B 27 -14.34 15.66 10.69
N LYS B 28 -14.61 16.74 9.97
CA LYS B 28 -14.39 18.07 10.52
C LYS B 28 -15.08 19.15 9.68
N ASP B 29 -15.97 19.91 10.32
CA ASP B 29 -16.74 20.95 9.68
C ASP B 29 -16.11 22.32 9.86
N LEU B 30 -16.00 23.08 8.78
CA LEU B 30 -15.51 24.44 8.89
C LEU B 30 -16.67 25.39 9.15
N THR B 31 -17.15 25.40 10.39
CA THR B 31 -18.32 26.20 10.77
C THR B 31 -17.92 27.60 11.19
N GLU B 32 -16.62 27.88 11.15
CA GLU B 32 -16.07 29.21 11.40
C GLU B 32 -16.48 30.17 10.27
N GLU B 33 -16.34 31.48 10.50
CA GLU B 33 -16.72 32.47 9.51
C GLU B 33 -15.56 32.86 8.60
N PRO B 34 -15.85 33.08 7.30
CA PRO B 34 -14.87 33.44 6.27
C PRO B 34 -14.35 34.86 6.43
N ASN B 35 -13.13 35.10 5.94
CA ASN B 35 -12.47 36.40 6.02
C ASN B 35 -12.88 37.29 4.84
N SER B 36 -12.01 38.26 4.50
CA SER B 36 -12.18 39.02 3.28
C SER B 36 -12.20 38.07 2.10
N GLN B 37 -11.27 37.13 2.14
CA GLN B 37 -11.00 36.20 1.04
C GLN B 37 -12.12 35.17 0.79
N GLY B 38 -13.11 35.14 1.68
CA GLY B 38 -14.11 34.07 1.66
C GLY B 38 -13.61 32.72 2.17
N ILE B 39 -12.52 32.73 2.93
CA ILE B 39 -11.86 31.50 3.43
C ILE B 39 -12.01 31.27 4.95
N SER B 40 -12.50 30.09 5.31
CA SER B 40 -12.72 29.72 6.70
C SER B 40 -11.57 28.89 7.28
N SER B 41 -11.31 29.09 8.56
CA SER B 41 -10.09 28.59 9.18
C SER B 41 -10.36 27.82 10.47
N LYS B 42 -9.63 26.74 10.71
CA LYS B 42 -9.95 25.85 11.83
C LYS B 42 -8.67 25.33 12.43
N THR B 43 -8.30 25.85 13.60
CA THR B 43 -7.08 25.38 14.24
C THR B 43 -7.44 24.17 15.10
N MET B 44 -6.62 23.13 15.02
CA MET B 44 -6.85 21.89 15.75
C MET B 44 -5.56 21.32 16.38
N SER B 45 -5.73 20.66 17.53
CA SER B 45 -4.62 20.16 18.35
C SER B 45 -4.65 18.65 18.40
N PHE B 46 -3.48 18.03 18.43
CA PHE B 46 -3.39 16.63 18.76
C PHE B 46 -1.98 16.34 19.19
N TYR B 47 -1.77 15.18 19.80
CA TYR B 47 -0.41 14.73 20.05
C TYR B 47 0.03 13.65 19.06
N LEU B 48 1.31 13.71 18.71
CA LEU B 48 1.94 12.69 17.89
C LEU B 48 2.01 11.34 18.60
N ARG B 49 2.11 10.27 17.82
CA ARG B 49 2.33 8.92 18.35
C ARG B 49 3.84 8.67 18.49
N ASP B 50 4.25 7.44 18.74
CA ASP B 50 5.65 7.14 19.11
C ASP B 50 6.65 6.98 17.97
N SER B 51 6.17 6.86 16.74
CA SER B 51 7.00 6.40 15.63
C SER B 51 7.98 7.49 15.23
N ILE B 52 9.25 7.13 15.04
CA ILE B 52 10.20 8.04 14.43
C ILE B 52 10.16 7.83 12.91
N THR B 53 9.66 8.84 12.21
CA THR B 53 9.31 8.73 10.81
C THR B 53 8.79 10.08 10.35
N THR B 54 8.28 10.17 9.13
CA THR B 54 7.52 11.34 8.74
C THR B 54 6.05 10.94 8.59
N TRP B 55 5.15 11.80 9.02
CA TRP B 55 3.72 11.58 8.86
C TRP B 55 3.26 12.46 7.74
N VAL B 56 2.48 11.90 6.83
CA VAL B 56 1.80 12.67 5.83
C VAL B 56 0.34 12.84 6.29
N VAL B 57 -0.15 14.07 6.34
CA VAL B 57 -1.55 14.31 6.66
C VAL B 57 -2.31 14.71 5.39
N LEU B 58 -3.30 13.89 5.01
CA LEU B 58 -4.11 14.21 3.84
C LEU B 58 -5.50 14.67 4.23
N ALA B 59 -5.90 15.82 3.71
CA ALA B 59 -7.23 16.34 3.93
C ALA B 59 -8.00 16.38 2.62
N VAL B 60 -9.17 15.75 2.60
CA VAL B 60 -10.11 15.89 1.47
C VAL B 60 -11.44 16.46 1.93
N SER B 61 -11.95 17.45 1.21
CA SER B 61 -13.18 18.11 1.61
C SER B 61 -14.28 18.04 0.59
N PHE B 62 -15.53 18.16 1.06
CA PHE B 62 -16.71 18.27 0.21
C PHE B 62 -17.49 19.51 0.61
N THR B 63 -17.93 20.30 -0.39
CA THR B 63 -18.74 21.50 -0.15
C THR B 63 -19.90 21.49 -1.13
N PRO B 64 -21.15 21.66 -0.64
CA PRO B 64 -22.33 21.60 -1.52
C PRO B 64 -22.19 22.18 -2.97
N THR B 65 -21.72 23.40 -3.14
CA THR B 65 -21.61 23.89 -4.52
C THR B 65 -20.22 23.84 -5.12
N LYS B 66 -19.25 23.32 -4.38
CA LYS B 66 -17.87 23.41 -4.82
C LYS B 66 -17.26 22.03 -4.96
N GLY B 67 -18.10 21.00 -4.85
CA GLY B 67 -17.68 19.63 -5.14
C GLY B 67 -16.61 19.10 -4.22
N ILE B 68 -15.79 18.19 -4.72
CA ILE B 68 -14.79 17.59 -3.86
C ILE B 68 -13.36 18.06 -4.17
N CYS B 69 -12.55 18.13 -3.12
CA CYS B 69 -11.22 18.72 -3.21
C CYS B 69 -10.19 17.96 -2.38
N VAL B 70 -9.04 17.69 -2.99
CA VAL B 70 -7.99 16.92 -2.33
C VAL B 70 -6.80 17.83 -2.13
N ALA B 71 -6.57 18.20 -0.88
CA ALA B 71 -5.51 19.14 -0.52
C ALA B 71 -4.13 18.59 -0.81
N GLU B 72 -3.14 19.48 -0.82
CA GLU B 72 -1.77 19.01 -0.93
C GLU B 72 -1.34 18.32 0.39
N PRO B 73 -0.48 17.28 0.32
CA PRO B 73 -0.14 16.59 1.57
C PRO B 73 0.69 17.48 2.50
N TYR B 74 0.54 17.32 3.81
CA TYR B 74 1.35 18.09 4.76
C TYR B 74 2.19 17.18 5.65
N GLU B 75 3.50 17.39 5.67
CA GLU B 75 4.42 16.45 6.31
C GLU B 75 4.82 16.83 7.74
N ILE B 76 5.10 15.82 8.55
CA ILE B 76 5.58 16.04 9.92
C ILE B 76 6.75 15.12 10.23
N ARG B 77 7.97 15.65 10.18
CA ARG B 77 9.16 14.90 10.63
C ARG B 77 9.19 14.73 12.16
N VAL B 78 9.38 13.50 12.62
CA VAL B 78 9.46 13.23 14.05
C VAL B 78 10.72 12.42 14.30
N MET B 79 11.60 12.96 15.14
CA MET B 79 12.92 12.38 15.31
C MET B 79 13.41 12.48 16.72
N LYS B 80 14.57 11.88 16.96
CA LYS B 80 15.29 12.06 18.22
C LYS B 80 16.79 12.22 17.93
N VAL B 81 17.55 12.57 18.97
CA VAL B 81 18.99 12.80 18.85
C VAL B 81 19.72 11.45 18.91
N PHE B 82 19.18 10.56 19.74
CA PHE B 82 19.69 9.23 19.96
C PHE B 82 18.50 8.29 20.10
N PHE B 83 18.50 7.18 19.36
CA PHE B 83 17.39 6.20 19.42
C PHE B 83 17.65 4.82 18.82
N ILE B 84 16.80 3.87 19.20
CA ILE B 84 16.81 2.49 18.66
C ILE B 84 15.84 2.29 17.47
N ASP B 85 16.25 1.47 16.51
CA ASP B 85 15.40 1.12 15.37
C ASP B 85 15.39 -0.40 15.27
N LEU B 86 14.26 -0.99 15.67
CA LEU B 86 14.12 -2.43 15.65
C LEU B 86 13.29 -2.89 14.46
N GLN B 87 13.96 -3.57 13.55
CA GLN B 87 13.35 -4.11 12.34
C GLN B 87 13.12 -5.60 12.61
N MET B 88 11.84 -5.97 12.58
CA MET B 88 11.37 -7.29 12.95
C MET B 88 10.84 -8.02 11.72
N PRO B 89 11.02 -9.35 11.63
CA PRO B 89 10.36 -10.05 10.51
C PRO B 89 8.84 -10.15 10.71
N TYR B 90 8.10 -10.40 9.63
CA TYR B 90 6.64 -10.46 9.71
C TYR B 90 6.18 -11.45 10.80
N SER B 91 6.90 -12.57 10.85
CA SER B 91 6.54 -13.68 11.69
C SER B 91 7.76 -14.57 11.81
N VAL B 92 7.81 -15.37 12.87
CA VAL B 92 8.87 -16.35 13.10
C VAL B 92 8.26 -17.69 13.55
N VAL B 93 8.99 -18.78 13.34
CA VAL B 93 8.48 -20.10 13.69
C VAL B 93 8.98 -20.54 15.05
N LYS B 94 8.05 -21.00 15.89
CA LYS B 94 8.29 -21.57 17.24
C LYS B 94 9.45 -22.56 17.32
N ASN B 95 10.36 -22.29 18.27
CA ASN B 95 11.48 -23.18 18.56
C ASN B 95 12.68 -23.01 17.64
N GLU B 96 12.52 -22.19 16.60
CA GLU B 96 13.61 -21.93 15.67
C GLU B 96 14.39 -20.75 16.16
N GLN B 97 15.71 -20.89 16.17
CA GLN B 97 16.61 -19.84 16.64
C GLN B 97 16.79 -18.77 15.56
N VAL B 98 16.58 -17.52 15.93
CA VAL B 98 16.82 -16.40 15.00
C VAL B 98 17.61 -15.26 15.64
N GLU B 99 18.09 -14.36 14.79
CA GLU B 99 18.82 -13.19 15.26
C GLU B 99 18.12 -11.93 14.78
N ILE B 100 17.86 -11.01 15.70
CA ILE B 100 17.22 -9.75 15.38
C ILE B 100 18.25 -8.65 15.59
N ARG B 101 18.25 -7.69 14.67
CA ARG B 101 19.23 -6.61 14.71
C ARG B 101 18.61 -5.25 15.00
N ALA B 102 18.70 -4.82 16.24
CA ALA B 102 18.41 -3.43 16.56
C ALA B 102 19.60 -2.58 16.13
N ILE B 103 19.31 -1.42 15.57
CA ILE B 103 20.36 -0.49 15.23
C ILE B 103 20.19 0.83 15.98
N LEU B 104 21.28 1.26 16.60
CA LEU B 104 21.32 2.47 17.41
C LEU B 104 21.79 3.62 16.56
N HIS B 105 21.10 4.75 16.66
CA HIS B 105 21.48 5.95 15.94
C HIS B 105 21.98 7.07 16.86
N ASN B 106 23.18 7.58 16.59
CA ASN B 106 23.70 8.78 17.25
C ASN B 106 23.64 9.93 16.25
N TYR B 107 22.79 10.92 16.53
CA TYR B 107 22.69 12.06 15.63
C TYR B 107 23.38 13.33 16.13
N VAL B 108 23.91 13.26 17.35
CA VAL B 108 24.72 14.37 17.85
C VAL B 108 26.11 14.38 17.16
N ASN B 109 26.75 15.54 17.09
CA ASN B 109 28.08 15.61 16.47
C ASN B 109 29.22 15.43 17.48
N GLU B 110 29.02 14.51 18.43
CA GLU B 110 30.03 14.16 19.44
C GLU B 110 30.30 12.64 19.45
N ASP B 111 31.13 12.19 20.40
CA ASP B 111 31.45 10.78 20.55
C ASP B 111 30.85 10.35 21.87
N ILE B 112 30.04 9.29 21.82
CA ILE B 112 29.25 8.91 22.98
C ILE B 112 29.57 7.50 23.40
N TYR B 113 29.07 7.14 24.58
CA TYR B 113 29.34 5.85 25.16
C TYR B 113 27.99 5.40 25.70
N VAL B 114 27.67 4.12 25.51
CA VAL B 114 26.26 3.71 25.53
C VAL B 114 26.00 2.36 26.20
N ARG B 115 24.87 2.28 26.89
CA ARG B 115 24.47 1.07 27.54
C ARG B 115 23.22 0.53 26.86
N VAL B 116 23.30 -0.72 26.40
CA VAL B 116 22.19 -1.35 25.70
C VAL B 116 21.80 -2.64 26.40
N GLU B 117 20.55 -2.70 26.81
CA GLU B 117 20.05 -3.81 27.59
C GLU B 117 18.80 -4.37 26.89
N LEU B 118 18.72 -5.71 26.82
CA LEU B 118 17.56 -6.39 26.25
C LEU B 118 16.72 -7.06 27.33
N LEU B 119 15.55 -6.50 27.58
CA LEU B 119 14.66 -7.00 28.61
C LEU B 119 14.36 -8.48 28.44
N TYR B 120 14.29 -9.19 29.57
CA TYR B 120 13.96 -10.59 29.62
C TYR B 120 12.47 -10.74 29.42
N ASN B 121 12.06 -11.90 28.91
CA ASN B 121 10.67 -12.24 28.72
C ASN B 121 10.61 -13.76 28.89
N PRO B 122 9.60 -14.27 29.62
CA PRO B 122 9.48 -15.70 29.84
C PRO B 122 9.12 -16.48 28.58
N ALA B 123 8.54 -15.80 27.60
CA ALA B 123 8.13 -16.43 26.36
C ALA B 123 9.30 -16.77 25.43
N PHE B 124 10.47 -16.18 25.68
CA PHE B 124 11.65 -16.44 24.85
C PHE B 124 12.75 -17.17 25.57
N CYS B 125 13.73 -17.54 24.79
CA CYS B 125 14.97 -18.10 25.26
C CYS B 125 16.03 -17.24 24.63
N SER B 126 16.83 -16.58 25.46
CA SER B 126 17.78 -15.61 24.94
C SER B 126 18.99 -15.53 25.84
N ALA B 127 19.81 -14.50 25.63
CA ALA B 127 20.86 -14.18 26.58
C ALA B 127 20.24 -13.73 27.91
N SER B 128 19.32 -12.78 27.86
CA SER B 128 18.70 -12.26 29.07
C SER B 128 18.01 -13.32 29.93
N THR B 129 18.41 -13.38 31.19
CA THR B 129 17.78 -14.24 32.18
C THR B 129 16.98 -13.38 33.14
N LYS B 130 16.06 -14.02 33.87
CA LYS B 130 15.21 -13.36 34.88
C LYS B 130 16.03 -12.42 35.77
N GLY B 131 17.15 -12.95 36.30
CA GLY B 131 18.04 -12.19 37.18
C GLY B 131 18.61 -10.92 36.58
N GLN B 132 19.36 -11.08 35.48
CA GLN B 132 19.96 -9.92 34.84
C GLN B 132 19.83 -9.89 33.31
N ARG B 133 19.61 -8.69 32.82
CA ARG B 133 19.44 -8.43 31.40
C ARG B 133 20.82 -8.34 30.71
N TYR B 134 20.94 -9.03 29.57
CA TYR B 134 22.15 -8.99 28.75
C TYR B 134 22.39 -7.55 28.32
N ARG B 135 23.31 -6.89 29.04
CA ARG B 135 23.68 -5.53 28.70
C ARG B 135 25.10 -5.45 28.17
N GLN B 136 25.43 -4.34 27.53
CA GLN B 136 26.76 -4.12 26.95
C GLN B 136 27.06 -2.64 26.78
N GLN B 137 28.33 -2.30 26.92
CA GLN B 137 28.73 -0.90 26.80
C GLN B 137 29.84 -0.78 25.78
N PHE B 138 29.76 0.29 24.97
CA PHE B 138 30.65 0.52 23.83
C PHE B 138 30.40 1.91 23.26
N PRO B 139 31.34 2.43 22.44
CA PRO B 139 31.23 3.82 21.98
C PRO B 139 30.61 4.01 20.57
N ILE B 140 30.10 5.21 20.29
CA ILE B 140 29.63 5.52 18.95
C ILE B 140 30.25 6.84 18.46
N LYS B 141 30.78 6.81 17.24
CA LYS B 141 31.47 7.96 16.68
C LYS B 141 30.50 9.06 16.24
N ALA B 142 31.05 10.21 15.87
CA ALA B 142 30.25 11.38 15.47
C ALA B 142 29.32 11.06 14.31
N LEU B 143 28.06 11.52 14.40
CA LEU B 143 27.07 11.32 13.34
C LEU B 143 27.13 9.90 12.73
N SER B 144 27.02 8.88 13.56
CA SER B 144 27.07 7.50 13.06
C SER B 144 26.14 6.57 13.81
N SER B 145 26.17 5.28 13.46
CA SER B 145 25.22 4.31 14.02
C SER B 145 25.91 2.96 14.19
N ARG B 146 25.36 2.12 15.05
CA ARG B 146 25.97 0.83 15.29
C ARG B 146 24.94 -0.29 15.48
N ALA B 147 25.13 -1.38 14.74
CA ALA B 147 24.21 -2.50 14.77
C ALA B 147 24.41 -3.31 16.06
N VAL B 148 23.32 -3.86 16.60
CA VAL B 148 23.33 -4.70 17.81
C VAL B 148 22.47 -5.98 17.63
N PRO B 149 23.13 -7.14 17.54
CA PRO B 149 22.42 -8.41 17.35
C PRO B 149 21.89 -9.01 18.64
N PHE B 150 20.68 -9.57 18.59
CA PHE B 150 20.13 -10.36 19.69
C PHE B 150 19.65 -11.71 19.18
N VAL B 151 20.10 -12.79 19.82
CA VAL B 151 19.60 -14.13 19.49
C VAL B 151 18.48 -14.57 20.43
N ILE B 152 17.28 -14.77 19.90
CA ILE B 152 16.18 -15.30 20.72
C ILE B 152 15.62 -16.60 20.16
N VAL B 153 14.89 -17.34 20.98
CA VAL B 153 14.23 -18.58 20.55
C VAL B 153 12.77 -18.58 21.04
N PRO B 154 11.79 -18.42 20.12
CA PRO B 154 10.37 -18.38 20.52
C PRO B 154 9.89 -19.72 21.07
N LEU B 155 9.23 -19.67 22.22
CA LEU B 155 8.78 -20.88 22.88
C LEU B 155 7.26 -20.89 22.96
N GLU B 156 6.64 -19.79 22.55
CA GLU B 156 5.19 -19.68 22.56
C GLU B 156 4.68 -19.02 21.29
N GLN B 157 3.56 -19.53 20.78
CA GLN B 157 2.88 -18.93 19.65
C GLN B 157 2.18 -17.65 20.09
N GLY B 158 2.00 -16.73 19.15
CA GLY B 158 1.29 -15.48 19.42
C GLY B 158 2.16 -14.24 19.36
N LEU B 159 1.57 -13.11 19.74
CA LEU B 159 2.27 -11.84 19.83
C LEU B 159 2.94 -11.76 21.21
N HIS B 160 4.23 -11.44 21.20
CA HIS B 160 5.05 -11.41 22.40
C HIS B 160 6.11 -10.34 22.27
N ASP B 161 6.00 -9.31 23.11
CA ASP B 161 6.88 -8.15 23.10
C ASP B 161 8.36 -8.49 23.16
N VAL B 162 9.10 -7.76 22.35
CA VAL B 162 10.54 -7.65 22.43
C VAL B 162 10.79 -6.18 22.83
N GLU B 163 11.56 -5.97 23.89
CA GLU B 163 11.86 -4.62 24.39
C GLU B 163 13.37 -4.36 24.53
N ILE B 164 13.85 -3.25 23.98
CA ILE B 164 15.25 -2.85 24.10
C ILE B 164 15.34 -1.41 24.58
N LYS B 165 16.25 -1.16 25.53
CA LYS B 165 16.46 0.17 26.13
C LYS B 165 17.94 0.56 26.08
N ALA B 166 18.21 1.83 25.79
CA ALA B 166 19.58 2.36 25.71
C ALA B 166 19.68 3.81 26.20
N SER B 167 20.62 4.06 27.11
CA SER B 167 20.89 5.44 27.55
C SER B 167 22.34 5.76 27.27
N VAL B 168 22.63 7.00 26.86
CA VAL B 168 24.03 7.43 26.75
C VAL B 168 24.61 7.84 28.12
N GLN B 169 25.92 8.04 28.17
CA GLN B 169 26.64 8.32 29.42
C GLN B 169 26.98 9.79 29.60
N GLU B 170 26.75 10.30 30.81
CA GLU B 170 27.09 11.68 31.15
C GLU B 170 26.15 12.63 30.43
N ALA B 171 25.01 12.10 30.01
CA ALA B 171 24.00 12.92 29.38
C ALA B 171 22.60 12.45 29.76
N LEU B 172 21.60 13.00 29.08
CA LEU B 172 20.20 12.74 29.42
C LEU B 172 19.43 12.13 28.24
N TRP B 173 20.15 11.77 27.18
CA TRP B 173 19.58 11.15 25.99
C TRP B 173 19.40 9.66 26.20
N SER B 174 18.17 9.18 26.06
CA SER B 174 17.88 7.74 26.11
C SER B 174 16.77 7.35 25.13
N ASP B 175 16.44 6.06 25.07
CA ASP B 175 15.39 5.55 24.18
C ASP B 175 15.08 4.12 24.49
N GLY B 176 13.80 3.77 24.36
CA GLY B 176 13.33 2.41 24.53
C GLY B 176 12.30 2.11 23.45
N VAL B 177 12.31 0.87 22.99
CA VAL B 177 11.39 0.43 21.96
C VAL B 177 10.76 -0.87 22.41
N ARG B 178 9.44 -0.93 22.31
CA ARG B 178 8.71 -2.17 22.51
C ARG B 178 7.86 -2.48 21.28
N LYS B 179 8.21 -3.60 20.61
CA LYS B 179 7.52 -4.12 19.42
C LYS B 179 7.08 -5.58 19.64
N LYS B 180 5.84 -5.88 19.26
CA LYS B 180 5.29 -7.23 19.39
C LYS B 180 5.80 -8.15 18.28
N LEU B 181 6.37 -9.31 18.63
CA LEU B 181 6.89 -10.25 17.62
C LEU B 181 5.85 -11.32 17.38
N LYS B 182 5.60 -11.66 16.12
CA LYS B 182 4.62 -12.69 15.77
C LYS B 182 5.27 -14.06 15.70
N VAL B 183 4.79 -14.98 16.53
CA VAL B 183 5.28 -16.36 16.52
C VAL B 183 4.19 -17.33 16.07
N VAL B 184 4.56 -18.20 15.14
CA VAL B 184 3.64 -19.07 14.41
C VAL B 184 3.97 -20.56 14.63
N PRO B 185 2.94 -21.46 14.61
CA PRO B 185 3.09 -22.92 14.62
C PRO B 185 4.22 -23.47 13.76
N GLU B 186 4.82 -24.57 14.23
CA GLU B 186 6.01 -25.16 13.63
C GLU B 186 5.82 -25.73 12.21
N GLY B 187 4.57 -25.93 11.78
CA GLY B 187 4.30 -26.64 10.52
C GLY B 187 3.97 -25.83 9.27
N VAL B 188 3.50 -26.53 8.24
CA VAL B 188 2.99 -25.90 7.01
C VAL B 188 1.48 -26.05 6.91
N GLN B 189 0.80 -24.90 6.84
CA GLN B 189 -0.66 -24.83 6.79
C GLN B 189 -1.20 -25.56 5.56
N LYS B 190 -2.10 -26.53 5.77
CA LYS B 190 -2.65 -27.38 4.68
C LYS B 190 -4.15 -27.12 4.43
N SER B 191 -4.52 -27.04 3.16
CA SER B 191 -5.79 -26.47 2.74
C SER B 191 -6.71 -27.45 1.97
N ILE B 192 -7.78 -27.88 2.64
CA ILE B 192 -8.77 -28.80 2.06
C ILE B 192 -10.06 -28.07 1.64
N VAL B 193 -10.37 -28.10 0.35
CA VAL B 193 -11.71 -27.73 -0.11
C VAL B 193 -12.57 -28.97 0.16
N THR B 194 -13.26 -28.96 1.31
CA THR B 194 -14.05 -30.11 1.80
C THR B 194 -15.06 -30.67 0.79
N ILE B 195 -15.68 -29.77 0.01
CA ILE B 195 -16.42 -30.17 -1.19
C ILE B 195 -16.81 -28.97 -2.05
N VAL B 196 -17.23 -29.26 -3.27
CA VAL B 196 -17.88 -28.31 -4.15
C VAL B 196 -19.22 -28.92 -4.60
N LYS B 197 -20.31 -28.57 -3.91
CA LYS B 197 -21.68 -29.03 -4.24
C LYS B 197 -22.55 -27.95 -4.88
N LEU B 198 -23.70 -28.36 -5.45
CA LEU B 198 -24.64 -27.46 -6.12
C LEU B 198 -26.07 -27.62 -5.60
N ASP B 199 -26.99 -26.73 -6.01
CA ASP B 199 -28.39 -26.71 -5.49
C ASP B 199 -29.54 -26.94 -6.51
N PRO B 200 -29.77 -28.20 -6.99
CA PRO B 200 -30.86 -28.40 -7.96
C PRO B 200 -32.22 -28.66 -7.31
N THR B 208 -37.92 -28.94 -1.14
CA THR B 208 -36.80 -28.71 -0.23
C THR B 208 -35.70 -29.78 -0.34
N GLN B 209 -34.52 -29.33 -0.74
CA GLN B 209 -33.32 -30.17 -0.86
C GLN B 209 -32.39 -29.92 0.31
N LEU B 210 -31.73 -30.95 0.80
CA LEU B 210 -30.82 -30.82 1.95
C LEU B 210 -29.54 -31.59 1.73
N GLU B 211 -28.50 -31.26 2.52
CA GLU B 211 -27.23 -32.02 2.48
C GLU B 211 -26.31 -31.95 3.71
N VAL B 212 -25.87 -33.13 4.18
CA VAL B 212 -24.92 -33.22 5.30
C VAL B 212 -23.48 -33.39 4.77
N ILE B 213 -22.56 -32.64 5.39
CA ILE B 213 -21.14 -32.66 5.05
C ILE B 213 -20.35 -32.96 6.34
N LYS B 214 -19.90 -34.21 6.48
CA LYS B 214 -19.31 -34.67 7.75
C LYS B 214 -17.88 -34.18 7.98
N ALA B 215 -17.44 -34.25 9.24
CA ALA B 215 -16.09 -33.86 9.67
C ALA B 215 -15.00 -34.42 8.76
N ARG B 216 -13.99 -33.59 8.48
CA ARG B 216 -13.00 -33.84 7.43
C ARG B 216 -11.91 -34.86 7.80
N THR B 225 -1.80 -25.94 16.79
CA THR B 225 -2.51 -25.89 15.53
C THR B 225 -3.99 -25.61 15.75
N GLU B 226 -4.42 -24.38 15.45
CA GLU B 226 -5.84 -24.04 15.48
C GLU B 226 -6.39 -24.21 14.07
N ILE B 227 -7.71 -24.07 13.93
CA ILE B 227 -8.42 -24.45 12.70
C ILE B 227 -9.48 -23.40 12.33
N GLU B 228 -9.55 -23.04 11.05
CA GLU B 228 -10.65 -22.20 10.54
C GLU B 228 -11.43 -22.91 9.43
N THR B 229 -12.70 -22.55 9.27
CA THR B 229 -13.56 -23.16 8.24
C THR B 229 -14.49 -22.14 7.57
N LYS B 230 -14.22 -21.83 6.31
CA LYS B 230 -15.00 -20.79 5.59
C LYS B 230 -16.18 -21.37 4.77
N ILE B 231 -17.35 -20.74 4.85
CA ILE B 231 -18.55 -21.29 4.18
C ILE B 231 -19.14 -20.38 3.08
N ILE B 232 -18.87 -20.77 1.84
CA ILE B 232 -19.22 -19.98 0.66
C ILE B 232 -20.36 -20.61 -0.17
N ILE B 233 -21.52 -19.94 -0.17
CA ILE B 233 -22.64 -20.31 -1.04
C ILE B 233 -22.90 -19.18 -2.03
N GLN B 234 -23.12 -19.54 -3.29
CA GLN B 234 -23.24 -18.58 -4.41
C GLN B 234 -24.56 -18.72 -5.18
N GLY B 235 -24.75 -17.89 -6.21
CA GLY B 235 -26.03 -17.77 -6.91
C GLY B 235 -26.22 -18.63 -8.14
N ASP B 236 -25.33 -18.44 -9.11
CA ASP B 236 -25.40 -19.10 -10.43
C ASP B 236 -26.73 -18.83 -11.17
N LEU C 10 -33.72 -17.05 -10.34
CA LEU C 10 -33.54 -17.71 -9.00
C LEU C 10 -34.50 -17.09 -7.98
N ASN C 11 -35.18 -17.96 -7.23
CA ASN C 11 -36.16 -17.54 -6.22
C ASN C 11 -36.01 -18.41 -4.96
N LEU C 12 -34.80 -18.41 -4.41
CA LEU C 12 -34.43 -19.34 -3.34
C LEU C 12 -34.76 -18.84 -1.92
N ASP C 13 -34.58 -19.74 -0.96
CA ASP C 13 -34.76 -19.47 0.47
C ASP C 13 -33.95 -20.54 1.22
N ILE C 14 -32.81 -20.13 1.78
CA ILE C 14 -31.86 -21.08 2.35
C ILE C 14 -31.85 -21.06 3.89
N THR C 15 -31.25 -22.10 4.47
CA THR C 15 -31.11 -22.28 5.91
C THR C 15 -30.00 -23.30 6.25
N ILE C 16 -28.98 -22.85 6.99
CA ILE C 16 -27.83 -23.70 7.36
C ILE C 16 -27.77 -24.04 8.85
N GLU C 17 -27.51 -25.32 9.15
CA GLU C 17 -27.44 -25.82 10.52
C GLU C 17 -25.99 -26.10 10.94
N LEU C 18 -25.61 -25.56 12.08
CA LEU C 18 -24.30 -25.78 12.65
C LEU C 18 -24.42 -26.35 14.07
N PRO C 19 -23.81 -27.52 14.31
CA PRO C 19 -23.61 -28.01 15.69
C PRO C 19 -23.01 -26.91 16.57
N ASP C 20 -22.22 -26.04 15.94
CA ASP C 20 -21.63 -24.85 16.54
C ASP C 20 -22.69 -23.93 17.15
N ARG C 21 -23.37 -23.15 16.29
CA ARG C 21 -24.44 -22.24 16.71
C ARG C 21 -25.66 -23.02 17.19
N GLU C 22 -26.28 -22.52 18.25
CA GLU C 22 -27.46 -23.17 18.83
C GLU C 22 -28.73 -22.85 18.01
N VAL C 23 -28.67 -21.73 17.30
CA VAL C 23 -29.71 -21.33 16.32
C VAL C 23 -29.11 -21.24 14.89
N PRO C 24 -29.73 -21.95 13.90
CA PRO C 24 -29.31 -22.00 12.48
C PRO C 24 -29.48 -20.68 11.74
N ILE C 25 -28.79 -20.51 10.62
CA ILE C 25 -28.78 -19.24 9.88
C ILE C 25 -29.49 -19.33 8.51
N ARG C 26 -30.23 -18.28 8.14
CA ARG C 26 -31.03 -18.24 6.90
C ARG C 26 -30.73 -17.01 6.02
N TYR C 27 -30.72 -17.19 4.71
CA TYR C 27 -30.44 -16.10 3.76
C TYR C 27 -31.14 -16.29 2.41
N ARG C 28 -31.91 -15.28 1.99
CA ARG C 28 -32.76 -15.32 0.78
C ARG C 28 -31.99 -15.05 -0.53
N ILE C 29 -31.48 -16.10 -1.15
CA ILE C 29 -30.78 -15.97 -2.45
C ILE C 29 -31.76 -15.70 -3.60
N ASN C 30 -31.85 -14.43 -4.00
CA ASN C 30 -32.79 -13.98 -5.03
C ASN C 30 -32.07 -13.35 -6.23
N ARG C 38 -21.90 -15.03 -0.24
CA ARG C 38 -22.29 -15.01 1.18
C ARG C 38 -21.42 -15.96 1.99
N THR C 39 -21.07 -15.52 3.20
CA THR C 39 -20.07 -16.20 3.99
C THR C 39 -20.41 -16.24 5.48
N VAL C 40 -19.88 -17.26 6.16
CA VAL C 40 -19.97 -17.42 7.61
C VAL C 40 -18.80 -18.32 8.00
N GLU C 41 -18.04 -17.92 9.02
CA GLU C 41 -16.83 -18.66 9.40
C GLU C 41 -16.89 -19.19 10.83
N THR C 42 -16.36 -20.39 11.02
CA THR C 42 -16.32 -21.05 12.33
C THR C 42 -14.86 -21.28 12.80
N LYS C 43 -14.69 -22.09 13.85
CA LYS C 43 -13.37 -22.48 14.33
C LYS C 43 -13.38 -23.98 14.66
N LEU C 44 -14.30 -24.70 14.03
CA LEU C 44 -14.53 -26.11 14.35
C LEU C 44 -14.39 -27.04 13.12
N ASN C 45 -14.26 -28.34 13.39
CA ASN C 45 -14.25 -29.37 12.36
C ASN C 45 -15.42 -30.34 12.53
N GLN C 46 -16.59 -29.87 12.08
CA GLN C 46 -17.87 -30.53 12.29
C GLN C 46 -18.65 -30.70 10.98
N ASP C 47 -19.67 -31.57 11.04
CA ASP C 47 -20.62 -31.72 9.94
C ASP C 47 -21.51 -30.50 9.83
N ILE C 48 -21.80 -30.10 8.59
CA ILE C 48 -22.78 -29.05 8.27
C ILE C 48 -24.09 -29.68 7.78
N THR C 49 -25.22 -29.04 8.07
CA THR C 49 -26.50 -29.45 7.46
C THR C 49 -27.13 -28.27 6.72
N VAL C 50 -27.25 -28.42 5.39
CA VAL C 50 -27.79 -27.39 4.48
C VAL C 50 -29.24 -27.71 4.11
N THR C 51 -30.07 -26.68 3.94
CA THR C 51 -31.46 -26.86 3.46
C THR C 51 -31.80 -25.78 2.42
N ALA C 52 -32.30 -26.22 1.26
CA ALA C 52 -32.74 -25.35 0.17
C ALA C 52 -34.26 -25.40 0.02
N SER C 53 -34.81 -24.51 -0.80
CA SER C 53 -36.26 -24.35 -0.86
C SER C 53 -36.64 -23.32 -1.91
N ALA C 58 -27.45 -22.26 -7.52
CA ALA C 58 -26.57 -21.99 -6.39
C ALA C 58 -25.55 -23.11 -6.12
N THR C 59 -24.33 -22.71 -5.74
CA THR C 59 -23.23 -23.64 -5.43
C THR C 59 -22.54 -23.30 -4.11
N MET C 60 -22.10 -24.34 -3.40
CA MET C 60 -21.45 -24.16 -2.10
C MET C 60 -20.03 -24.73 -2.07
N THR C 61 -19.11 -23.98 -1.48
CA THR C 61 -17.73 -24.44 -1.29
C THR C 61 -17.27 -24.28 0.17
N ILE C 62 -16.64 -25.32 0.71
CA ILE C 62 -16.18 -25.36 2.10
C ILE C 62 -14.65 -25.48 2.19
N LEU C 63 -14.05 -24.72 3.11
CA LEU C 63 -12.60 -24.65 3.27
C LEU C 63 -12.20 -24.98 4.71
N THR C 64 -11.16 -25.81 4.89
CA THR C 64 -10.74 -26.28 6.21
C THR C 64 -9.20 -26.39 6.36
N PHE C 65 -8.60 -25.31 6.88
CA PHE C 65 -7.14 -25.19 7.02
C PHE C 65 -6.74 -25.69 8.39
N TYR C 66 -5.62 -26.40 8.44
CA TYR C 66 -5.10 -26.92 9.70
C TYR C 66 -3.60 -26.99 9.57
N ASN C 67 -2.89 -27.01 10.70
CA ASN C 67 -1.47 -27.25 10.62
C ASN C 67 -1.13 -28.75 10.51
N ALA C 68 -0.80 -29.15 9.28
CA ALA C 68 -0.26 -30.46 8.99
C ALA C 68 1.25 -30.46 9.26
N GLN C 69 1.78 -31.62 9.59
CA GLN C 69 3.18 -31.78 9.97
C GLN C 69 4.10 -31.75 8.74
N VAL C 76 16.33 -28.04 5.76
CA VAL C 76 17.08 -26.82 6.05
C VAL C 76 18.23 -26.61 5.03
N CYS C 77 18.32 -25.38 4.51
CA CYS C 77 19.25 -24.95 3.44
C CYS C 77 19.15 -25.77 2.14
N ASN C 78 18.16 -25.49 1.29
CA ASN C 78 18.07 -26.15 -0.01
C ASN C 78 18.99 -25.52 -1.04
N LYS C 79 19.31 -24.24 -0.84
CA LYS C 79 20.05 -23.48 -1.83
C LYS C 79 21.58 -23.49 -1.68
N PHE C 80 22.07 -23.36 -0.44
CA PHE C 80 23.52 -23.38 -0.19
C PHE C 80 23.97 -24.43 0.84
N HIS C 81 25.21 -24.90 0.69
CA HIS C 81 25.94 -25.58 1.77
C HIS C 81 26.77 -24.51 2.54
N LEU C 82 26.57 -24.43 3.85
CA LEU C 82 27.24 -23.43 4.71
C LEU C 82 27.92 -24.07 5.93
N ASN C 83 29.24 -23.91 6.00
CA ASN C 83 30.06 -24.52 7.05
C ASN C 83 30.89 -23.41 7.68
N VAL C 84 30.62 -23.14 8.95
CA VAL C 84 31.26 -22.05 9.68
C VAL C 84 31.87 -22.58 10.96
N SER C 85 33.19 -22.47 11.04
CA SER C 85 33.90 -22.86 12.23
C SER C 85 34.71 -21.69 12.74
N VAL C 86 35.02 -21.71 14.02
CA VAL C 86 35.88 -20.72 14.63
C VAL C 86 36.94 -21.47 15.46
N GLU C 87 38.16 -21.54 14.93
CA GLU C 87 39.25 -22.29 15.56
C GLU C 87 40.20 -21.36 16.27
N ASN C 88 41.11 -21.94 17.06
CA ASN C 88 41.95 -21.16 17.94
C ASN C 88 43.29 -20.79 17.30
N ILE C 89 43.74 -19.55 17.52
CA ILE C 89 45.06 -19.09 17.07
C ILE C 89 46.13 -19.29 18.16
N HIS C 90 46.95 -20.34 18.02
CA HIS C 90 48.01 -20.66 18.97
C HIS C 90 49.24 -19.75 18.77
N ALA C 99 42.25 -13.72 20.48
CA ALA C 99 42.05 -13.76 19.04
C ALA C 99 41.52 -15.12 18.55
N LEU C 100 40.68 -15.11 17.51
CA LEU C 100 40.20 -16.35 16.86
C LEU C 100 40.20 -16.22 15.32
N MET C 101 40.43 -17.36 14.66
CA MET C 101 40.31 -17.45 13.22
C MET C 101 38.89 -17.84 12.82
N LEU C 102 38.17 -16.91 12.20
CA LEU C 102 36.83 -17.22 11.68
C LEU C 102 36.94 -17.79 10.26
N LYS C 103 36.45 -19.01 10.09
CA LYS C 103 36.54 -19.75 8.82
C LYS C 103 35.16 -20.09 8.27
N ILE C 104 34.91 -19.64 7.04
CA ILE C 104 33.62 -19.81 6.36
C ILE C 104 33.77 -20.58 5.05
N CYS C 105 32.97 -21.63 4.89
CA CYS C 105 32.94 -22.38 3.62
C CYS C 105 31.51 -22.59 3.05
N THR C 106 31.35 -22.25 1.78
CA THR C 106 30.05 -22.33 1.14
C THR C 106 30.07 -22.89 -0.28
N ARG C 107 28.94 -23.44 -0.70
CA ARG C 107 28.77 -23.98 -2.05
C ARG C 107 27.32 -23.94 -2.46
N TYR C 108 27.09 -23.44 -3.67
CA TYR C 108 25.75 -23.41 -4.22
C TYR C 108 25.33 -24.80 -4.68
N LEU C 109 24.10 -25.15 -4.36
CA LEU C 109 23.58 -26.48 -4.66
C LEU C 109 22.81 -26.51 -6.00
N GLY C 110 22.76 -25.37 -6.68
CA GLY C 110 22.08 -25.28 -7.96
C GLY C 110 22.86 -25.95 -9.07
N GLU C 111 22.24 -25.95 -10.26
CA GLU C 111 22.81 -26.61 -11.44
C GLU C 111 23.91 -25.74 -12.03
N VAL C 112 23.80 -24.44 -11.77
CA VAL C 112 24.74 -23.44 -12.31
C VAL C 112 25.23 -22.53 -11.18
N ASP C 113 26.49 -22.11 -11.24
CA ASP C 113 27.02 -21.08 -10.32
C ASP C 113 25.96 -20.02 -10.01
N SER C 114 25.79 -19.67 -8.73
CA SER C 114 24.85 -18.61 -8.37
C SER C 114 25.51 -17.27 -8.68
N THR C 115 24.72 -16.29 -9.08
CA THR C 115 25.24 -14.94 -9.25
C THR C 115 24.95 -14.12 -8.02
N MET C 116 25.89 -13.23 -7.71
CA MET C 116 25.67 -12.10 -6.82
C MET C 116 25.16 -12.59 -5.46
N THR C 117 25.94 -13.48 -4.86
CA THR C 117 25.64 -14.02 -3.55
C THR C 117 26.27 -13.20 -2.40
N ILE C 118 25.67 -13.34 -1.22
CA ILE C 118 25.94 -12.48 -0.08
C ILE C 118 26.20 -13.30 1.19
N ILE C 119 27.28 -12.98 1.89
CA ILE C 119 27.63 -13.66 3.14
C ILE C 119 27.45 -12.72 4.34
N ASP C 120 26.32 -12.83 5.02
CA ASP C 120 25.95 -11.89 6.10
C ASP C 120 26.46 -12.37 7.46
N ILE C 121 27.38 -11.60 8.05
CA ILE C 121 28.05 -12.02 9.30
C ILE C 121 27.85 -11.06 10.50
N SER C 122 27.52 -11.64 11.66
CA SER C 122 27.52 -10.92 12.94
C SER C 122 28.64 -11.38 13.90
N MET C 123 29.17 -10.44 14.67
CA MET C 123 30.29 -10.73 15.56
C MET C 123 29.80 -11.32 16.87
N LEU C 124 30.61 -12.16 17.49
CA LEU C 124 30.37 -12.59 18.87
C LEU C 124 30.41 -11.35 19.77
N THR C 125 29.74 -11.37 20.92
CA THR C 125 29.68 -10.17 21.75
C THR C 125 31.10 -9.75 22.19
N GLY C 126 31.39 -8.45 22.13
CA GLY C 126 32.73 -7.89 22.41
C GLY C 126 33.85 -8.34 21.47
N PHE C 127 33.50 -8.64 20.22
CA PHE C 127 34.46 -9.09 19.23
C PHE C 127 34.41 -8.20 18.03
N LEU C 128 35.53 -8.12 17.34
CA LEU C 128 35.68 -7.14 16.31
C LEU C 128 36.65 -7.71 15.30
N PRO C 129 36.43 -7.42 14.01
CA PRO C 129 37.32 -7.93 12.97
C PRO C 129 38.70 -7.26 12.93
N ASP C 130 39.72 -8.08 12.79
CA ASP C 130 41.08 -7.64 12.47
C ASP C 130 41.00 -6.91 11.15
N ALA C 131 41.19 -5.59 11.20
CA ALA C 131 41.06 -4.75 10.01
C ALA C 131 41.99 -5.14 8.87
N GLU C 132 43.21 -5.55 9.19
CA GLU C 132 44.22 -5.87 8.17
C GLU C 132 43.76 -7.02 7.30
N ASP C 133 43.28 -8.08 7.93
CA ASP C 133 42.69 -9.23 7.25
C ASP C 133 41.52 -8.83 6.37
N LEU C 134 40.55 -8.13 6.97
CA LEU C 134 39.31 -7.78 6.31
C LEU C 134 39.58 -6.92 5.09
N THR C 135 40.62 -6.11 5.17
CA THR C 135 41.01 -5.20 4.08
C THR C 135 41.61 -5.96 2.90
N ARG C 136 42.36 -7.03 3.19
CA ARG C 136 42.85 -7.95 2.15
C ARG C 136 41.71 -8.61 1.39
N LEU C 137 40.68 -9.06 2.13
CA LEU C 137 39.49 -9.65 1.54
C LEU C 137 38.73 -8.62 0.70
N SER C 138 38.73 -7.38 1.17
CA SER C 138 37.99 -6.33 0.51
C SER C 138 38.49 -5.99 -0.91
N LYS C 139 39.80 -6.11 -1.12
CA LYS C 139 40.39 -5.78 -2.40
C LYS C 139 40.37 -6.96 -3.39
N GLY C 140 39.81 -8.10 -2.96
CA GLY C 140 39.65 -9.30 -3.79
C GLY C 140 38.93 -8.99 -5.10
N VAL C 141 39.39 -9.67 -6.18
CA VAL C 141 38.94 -9.43 -7.57
C VAL C 141 37.40 -9.30 -7.69
N ASP C 142 36.71 -10.36 -7.25
CA ASP C 142 35.27 -10.43 -7.27
C ASP C 142 34.73 -10.33 -5.83
N ARG C 143 34.75 -9.13 -5.27
CA ARG C 143 34.26 -8.88 -3.90
C ARG C 143 33.96 -7.40 -3.63
N TYR C 144 33.19 -7.13 -2.58
CA TYR C 144 32.96 -5.76 -2.08
C TYR C 144 32.57 -5.78 -0.62
N ILE C 145 33.09 -4.83 0.14
CA ILE C 145 32.63 -4.57 1.50
C ILE C 145 32.51 -3.08 1.69
N SER C 146 31.53 -2.65 2.48
CA SER C 146 31.31 -1.25 2.79
C SER C 146 32.52 -0.63 3.50
N ARG C 147 32.65 0.70 3.38
CA ARG C 147 33.61 1.47 4.19
C ARG C 147 33.40 1.22 5.68
N TYR C 148 34.49 1.02 6.39
CA TYR C 148 34.49 0.92 7.85
C TYR C 148 35.63 1.74 8.46
N GLU C 149 35.40 2.24 9.68
CA GLU C 149 36.43 2.91 10.45
C GLU C 149 37.35 1.89 11.10
N VAL C 150 38.55 2.35 11.52
CA VAL C 150 39.51 1.46 12.16
C VAL C 150 40.17 2.04 13.42
N ASP C 151 40.11 1.27 14.50
CA ASP C 151 40.82 1.56 15.73
C ASP C 151 41.80 0.46 16.03
N ASN C 152 43.09 0.79 16.00
CA ASN C 152 44.16 -0.14 16.38
C ASN C 152 44.03 -1.53 15.75
N ASN C 153 43.95 -1.52 14.42
CA ASN C 153 43.75 -2.70 13.59
C ASN C 153 42.40 -3.41 13.84
N MET C 154 41.39 -2.65 14.26
CA MET C 154 40.08 -3.23 14.55
C MET C 154 38.99 -2.57 13.73
N ALA C 155 38.43 -3.33 12.79
CA ALA C 155 37.37 -2.81 11.93
C ALA C 155 36.16 -2.52 12.78
N GLN C 156 35.65 -1.29 12.67
CA GLN C 156 34.60 -0.83 13.58
C GLN C 156 33.19 -1.20 13.08
N LYS C 157 32.94 -2.50 13.04
CA LYS C 157 31.68 -3.06 12.55
C LYS C 157 31.40 -4.39 13.20
N VAL C 158 30.20 -4.53 13.77
CA VAL C 158 29.78 -5.77 14.41
C VAL C 158 29.03 -6.67 13.44
N ALA C 159 28.30 -6.05 12.52
CA ALA C 159 27.68 -6.75 11.40
C ALA C 159 28.47 -6.48 10.13
N VAL C 160 29.19 -7.49 9.65
CA VAL C 160 29.94 -7.39 8.39
C VAL C 160 29.34 -8.22 7.26
N ILE C 161 29.17 -7.57 6.10
CA ILE C 161 28.59 -8.21 4.92
C ILE C 161 29.58 -8.20 3.77
N ILE C 162 29.88 -9.39 3.25
CA ILE C 162 30.77 -9.53 2.11
C ILE C 162 29.96 -9.85 0.85
N TYR C 163 30.13 -9.05 -0.20
CA TYR C 163 29.43 -9.33 -1.47
C TYR C 163 30.29 -10.03 -2.49
N LEU C 164 29.81 -11.15 -3.00
CA LEU C 164 30.56 -11.89 -3.99
C LEU C 164 29.81 -11.91 -5.32
N ASN C 165 30.52 -11.83 -6.43
CA ASN C 165 29.89 -11.93 -7.75
C ASN C 165 29.37 -13.35 -8.03
N LYS C 166 30.18 -14.36 -7.74
CA LYS C 166 29.70 -15.74 -7.92
C LYS C 166 30.08 -16.69 -6.78
N VAL C 167 29.18 -17.60 -6.42
CA VAL C 167 29.61 -18.78 -5.67
C VAL C 167 29.45 -20.04 -6.53
N SER C 168 30.55 -20.80 -6.61
CA SER C 168 30.62 -22.04 -7.37
C SER C 168 29.58 -23.05 -6.92
N HIS C 169 29.09 -23.83 -7.88
CA HIS C 169 28.12 -24.87 -7.61
C HIS C 169 28.77 -26.24 -7.52
N SER C 170 30.05 -26.32 -7.85
CA SER C 170 30.72 -27.62 -7.98
C SER C 170 31.79 -27.87 -6.91
N GLU C 171 32.57 -26.85 -6.57
CA GLU C 171 33.49 -27.00 -5.45
C GLU C 171 33.26 -25.97 -4.35
N ASP C 172 33.60 -26.34 -3.11
CA ASP C 172 33.42 -25.45 -1.95
C ASP C 172 34.25 -24.15 -2.05
N GLU C 173 33.68 -23.03 -1.61
CA GLU C 173 34.45 -21.78 -1.56
C GLU C 173 34.62 -21.22 -0.14
N CYS C 174 35.85 -20.87 0.21
CA CYS C 174 36.20 -20.54 1.58
C CYS C 174 36.91 -19.20 1.76
N LEU C 175 36.58 -18.55 2.87
CA LEU C 175 37.31 -17.38 3.30
C LEU C 175 37.47 -17.40 4.81
N HIS C 176 38.52 -16.74 5.27
CA HIS C 176 38.82 -16.69 6.68
C HIS C 176 39.45 -15.36 7.03
N PHE C 177 39.19 -14.94 8.26
CA PHE C 177 39.88 -13.80 8.86
C PHE C 177 39.85 -13.88 10.38
N LYS C 178 40.78 -13.16 11.02
CA LYS C 178 40.93 -13.19 12.48
C LYS C 178 39.88 -12.29 13.15
N ILE C 179 39.26 -12.81 14.21
CA ILE C 179 38.30 -12.06 15.00
C ILE C 179 38.92 -11.69 16.38
N LEU C 180 39.06 -10.39 16.64
CA LEU C 180 39.83 -9.85 17.79
C LEU C 180 39.01 -9.51 19.05
N LYS C 181 39.41 -10.07 20.18
CA LYS C 181 38.74 -9.83 21.46
C LYS C 181 39.08 -8.45 22.03
N HIS C 182 38.12 -7.53 21.89
CA HIS C 182 38.28 -6.18 22.42
C HIS C 182 37.97 -6.19 23.91
N PHE C 183 36.72 -6.48 24.26
CA PHE C 183 36.32 -6.46 25.66
C PHE C 183 36.03 -7.86 26.23
N GLU C 184 36.48 -8.10 27.45
CA GLU C 184 36.14 -9.32 28.19
C GLU C 184 34.67 -9.27 28.62
N VAL C 185 34.06 -10.44 28.75
CA VAL C 185 32.63 -10.52 29.04
C VAL C 185 32.22 -11.88 29.66
N GLY C 186 31.19 -11.85 30.51
CA GLY C 186 30.56 -13.07 31.00
C GLY C 186 29.46 -13.39 30.03
N PHE C 187 29.38 -14.65 29.60
CA PHE C 187 28.50 -15.08 28.51
C PHE C 187 28.67 -14.35 27.19
N ILE C 188 29.31 -15.04 26.26
CA ILE C 188 29.39 -14.55 24.92
C ILE C 188 28.13 -15.00 24.18
N GLN C 189 27.47 -14.07 23.49
CA GLN C 189 26.37 -14.41 22.62
C GLN C 189 26.95 -14.95 21.31
N PRO C 190 26.45 -16.09 20.82
CA PRO C 190 26.95 -16.64 19.56
C PRO C 190 26.57 -15.73 18.40
N GLY C 191 27.38 -15.77 17.33
CA GLY C 191 27.11 -14.99 16.12
C GLY C 191 26.53 -15.87 15.03
N SER C 192 26.17 -15.27 13.92
CA SER C 192 25.52 -16.01 12.87
C SER C 192 26.04 -15.65 11.48
N VAL C 193 26.02 -16.63 10.58
CA VAL C 193 26.34 -16.40 9.18
C VAL C 193 25.16 -16.79 8.28
N LYS C 194 24.74 -15.86 7.41
CA LYS C 194 23.71 -16.10 6.39
C LYS C 194 24.30 -16.06 4.99
N VAL C 195 23.95 -17.03 4.15
CA VAL C 195 24.32 -17.01 2.72
C VAL C 195 23.08 -17.01 1.85
N TYR C 196 22.99 -16.04 0.95
CA TYR C 196 21.89 -15.94 -0.02
C TYR C 196 22.30 -15.18 -1.27
N SER C 197 21.56 -15.35 -2.35
CA SER C 197 21.92 -14.80 -3.66
C SER C 197 20.79 -13.93 -4.18
N TYR C 198 21.09 -13.13 -5.20
CA TYR C 198 20.11 -12.20 -5.80
C TYR C 198 18.77 -12.82 -6.22
N TYR C 199 18.84 -13.94 -6.94
CA TYR C 199 17.63 -14.63 -7.46
C TYR C 199 16.99 -15.55 -6.40
N ASN C 200 17.51 -15.49 -5.16
CA ASN C 200 16.92 -16.20 -4.02
C ASN C 200 17.17 -15.48 -2.68
N LEU C 201 16.46 -14.37 -2.48
CA LEU C 201 16.65 -13.54 -1.30
C LEU C 201 15.90 -14.07 -0.10
N ASP C 202 14.66 -14.53 -0.33
CA ASP C 202 13.79 -15.10 0.72
C ASP C 202 14.33 -16.36 1.35
N GLU C 203 14.93 -17.23 0.54
CA GLU C 203 15.61 -18.43 1.03
C GLU C 203 17.01 -18.10 1.62
N LYS C 204 17.08 -17.95 2.95
CA LYS C 204 18.33 -17.67 3.64
C LYS C 204 18.79 -18.89 4.45
N CYS C 205 20.03 -19.33 4.25
CA CYS C 205 20.64 -20.40 5.04
C CYS C 205 21.42 -19.78 6.22
N THR C 206 21.05 -20.12 7.46
CA THR C 206 21.69 -19.54 8.64
C THR C 206 22.48 -20.56 9.48
N LYS C 207 23.72 -20.23 9.83
CA LYS C 207 24.47 -21.01 10.82
C LYS C 207 24.92 -20.11 11.98
N PHE C 208 25.06 -20.71 13.16
CA PHE C 208 25.53 -19.99 14.32
C PHE C 208 26.89 -20.55 14.65
N TYR C 209 27.71 -19.75 15.32
CA TYR C 209 29.05 -20.14 15.74
C TYR C 209 29.37 -19.58 17.12
N HIS C 210 29.97 -20.43 17.95
CA HIS C 210 30.38 -20.08 19.30
C HIS C 210 31.71 -20.77 19.57
N PRO C 211 32.61 -20.13 20.32
CA PRO C 211 33.92 -20.72 20.61
C PRO C 211 33.81 -21.97 21.48
N ASP C 212 32.66 -22.14 22.12
CA ASP C 212 32.42 -23.23 23.04
C ASP C 212 31.45 -24.24 22.48
N LYS C 213 30.16 -23.87 22.40
CA LYS C 213 29.15 -24.70 21.70
C LYS C 213 29.41 -24.74 20.17
N GLY C 214 29.90 -25.88 19.67
CA GLY C 214 30.14 -26.04 18.24
C GLY C 214 29.01 -25.48 17.38
N THR C 215 27.78 -25.93 17.66
CA THR C 215 26.59 -25.56 16.87
C THR C 215 26.10 -24.13 17.09
N GLY C 216 26.45 -23.57 18.25
CA GLY C 216 26.16 -22.18 18.58
C GLY C 216 24.70 -21.93 18.89
N LEU C 217 23.97 -23.01 19.16
CA LEU C 217 22.57 -22.92 19.51
C LEU C 217 22.41 -22.78 21.01
N LEU C 218 21.51 -21.89 21.42
CA LEU C 218 21.16 -21.76 22.81
C LEU C 218 20.61 -23.08 23.31
N ASN C 219 21.04 -23.45 24.50
CA ASN C 219 20.79 -24.75 25.07
C ASN C 219 19.41 -24.80 25.67
N LYS C 220 18.64 -25.82 25.28
CA LYS C 220 17.23 -25.95 25.68
C LYS C 220 16.79 -27.42 25.74
N ILE C 221 15.66 -27.66 26.42
CA ILE C 221 15.12 -29.01 26.59
C ILE C 221 13.67 -29.07 26.09
N CYS C 222 13.36 -30.08 25.28
CA CYS C 222 12.01 -30.29 24.76
C CYS C 222 11.49 -31.70 25.01
N ILE C 223 10.19 -31.80 25.29
CA ILE C 223 9.51 -33.09 25.30
C ILE C 223 8.28 -33.01 24.40
N GLY C 224 8.22 -33.90 23.41
CA GLY C 224 7.15 -33.88 22.41
C GLY C 224 7.33 -32.73 21.45
N ASN C 225 7.14 -31.51 21.93
CA ASN C 225 7.18 -30.30 21.12
C ASN C 225 7.39 -28.99 21.89
N VAL C 226 7.31 -29.05 23.23
CA VAL C 226 7.45 -27.84 24.04
C VAL C 226 8.85 -27.71 24.63
N CYS C 227 9.45 -26.52 24.52
CA CYS C 227 10.83 -26.27 24.96
C CYS C 227 10.99 -25.16 26.00
N ARG C 228 12.05 -25.26 26.79
CA ARG C 228 12.41 -24.26 27.78
C ARG C 228 13.92 -24.09 27.79
N CYS C 229 14.40 -22.90 28.16
CA CYS C 229 15.84 -22.60 28.25
C CYS C 229 16.57 -23.52 29.22
N ALA C 230 17.88 -23.72 28.99
CA ALA C 230 18.68 -24.61 29.83
C ALA C 230 19.97 -24.01 30.39
N GLY C 231 20.47 -22.94 29.79
CA GLY C 231 21.67 -22.27 30.32
C GLY C 231 23.01 -22.69 29.73
N GLU C 232 23.14 -23.98 29.43
CA GLU C 232 24.36 -24.47 28.81
C GLU C 232 25.31 -25.05 29.82
N THR C 233 25.60 -24.27 30.86
CA THR C 233 26.33 -24.78 32.04
C THR C 233 25.53 -25.86 32.81
N CYS C 234 26.15 -27.03 32.92
CA CYS C 234 25.56 -28.26 33.46
C CYS C 234 25.60 -28.27 35.01
N SER C 235 24.43 -28.08 35.64
CA SER C 235 24.32 -27.85 37.12
C SER C 235 24.58 -29.07 38.03
N SER C 236 25.66 -29.02 38.80
CA SER C 236 26.11 -30.17 39.61
C SER C 236 25.39 -30.33 40.95
N LEU C 237 25.31 -31.59 41.45
CA LEU C 237 24.76 -31.92 42.78
C LEU C 237 25.54 -31.26 43.94
N ASN C 238 24.92 -31.11 45.10
CA ASN C 238 25.50 -30.33 46.21
C ASN C 238 25.85 -31.10 47.49
N HIS C 239 27.04 -30.77 48.03
CA HIS C 239 27.57 -31.31 49.29
C HIS C 239 28.60 -30.26 49.77
N GLN C 240 28.36 -29.50 50.85
CA GLN C 240 27.28 -29.61 51.85
C GLN C 240 27.66 -30.55 53.00
N GLU C 241 28.51 -30.06 53.90
CA GLU C 241 28.90 -30.82 55.09
C GLU C 241 28.27 -30.25 56.38
N ARG C 242 28.26 -28.94 56.53
CA ARG C 242 27.56 -28.32 57.65
C ARG C 242 26.67 -27.21 57.13
N ILE C 243 25.36 -27.42 57.17
CA ILE C 243 24.39 -26.42 56.67
C ILE C 243 24.33 -25.17 57.57
N ASP C 244 24.69 -24.04 56.97
CA ASP C 244 24.51 -22.73 57.58
C ASP C 244 23.03 -22.39 57.40
N VAL C 245 22.25 -22.81 58.40
CA VAL C 245 20.78 -22.76 58.37
C VAL C 245 20.24 -21.34 58.12
N PRO C 246 20.78 -20.32 58.81
CA PRO C 246 20.37 -18.95 58.47
C PRO C 246 20.70 -18.54 57.02
N LEU C 247 21.88 -18.89 56.54
CA LEU C 247 22.32 -18.55 55.17
C LEU C 247 21.54 -19.34 54.12
N GLN C 248 21.18 -20.57 54.44
CA GLN C 248 20.33 -21.36 53.55
C GLN C 248 18.91 -20.82 53.43
N ILE C 249 18.28 -20.42 54.53
CA ILE C 249 16.95 -19.79 54.47
C ILE C 249 17.02 -18.58 53.53
N GLU C 250 18.09 -17.80 53.70
CA GLU C 250 18.38 -16.67 52.83
C GLU C 250 18.38 -17.07 51.35
N LYS C 251 19.04 -18.20 51.03
CA LYS C 251 19.08 -18.73 49.66
C LYS C 251 17.70 -19.20 49.18
N ALA C 252 16.99 -19.94 50.03
CA ALA C 252 15.67 -20.46 49.69
C ALA C 252 14.56 -19.41 49.78
N CYS C 253 14.95 -18.14 49.91
CA CYS C 253 13.99 -17.04 50.13
C CYS C 253 14.13 -15.87 49.17
N GLU C 254 15.15 -15.93 48.32
CA GLU C 254 15.36 -14.94 47.28
C GLU C 254 14.26 -14.96 46.24
N THR C 255 14.06 -13.80 45.59
CA THR C 255 13.11 -13.63 44.48
C THR C 255 12.77 -14.93 43.76
N ASN C 256 13.76 -15.48 43.05
CA ASN C 256 13.55 -16.56 42.09
C ASN C 256 13.26 -17.97 42.62
N VAL C 257 13.08 -18.11 43.92
CA VAL C 257 12.79 -19.42 44.53
C VAL C 257 11.31 -19.53 44.93
N ASP C 258 10.57 -20.34 44.18
CA ASP C 258 9.11 -20.39 44.32
C ASP C 258 8.62 -21.53 45.17
N TYR C 259 9.37 -22.63 45.20
CA TYR C 259 8.99 -23.79 45.98
C TYR C 259 10.21 -24.40 46.65
N VAL C 260 9.98 -25.07 47.77
CA VAL C 260 11.02 -25.82 48.47
C VAL C 260 10.40 -27.14 48.95
N TYR C 261 10.81 -28.26 48.35
CA TYR C 261 10.29 -29.57 48.74
C TYR C 261 11.40 -30.51 49.24
N LYS C 262 10.97 -31.53 49.98
CA LYS C 262 11.78 -32.72 50.19
C LYS C 262 11.16 -33.76 49.27
N THR C 263 11.99 -34.42 48.47
CA THR C 263 11.50 -35.40 47.49
C THR C 263 12.17 -36.74 47.58
N LYS C 264 11.63 -37.71 46.84
CA LYS C 264 12.09 -39.08 46.83
C LYS C 264 12.27 -39.57 45.38
N LEU C 265 13.48 -40.01 45.02
CA LEU C 265 13.74 -40.47 43.66
C LEU C 265 13.16 -41.87 43.41
N LEU C 266 11.94 -41.91 42.89
CA LEU C 266 11.23 -43.17 42.66
C LEU C 266 11.81 -44.03 41.54
N ARG C 267 12.08 -43.42 40.39
CA ARG C 267 12.67 -44.10 39.23
C ARG C 267 13.25 -43.10 38.19
N ILE C 268 14.27 -43.53 37.48
CA ILE C 268 14.85 -42.77 36.38
C ILE C 268 14.46 -43.39 35.03
N GLU C 269 14.03 -42.55 34.08
CA GLU C 269 13.59 -42.96 32.74
C GLU C 269 14.21 -42.09 31.63
N GLU C 270 13.81 -42.35 30.38
CA GLU C 270 14.26 -41.57 29.21
C GLU C 270 13.11 -41.40 28.25
N GLN C 271 12.45 -40.24 28.28
CA GLN C 271 11.47 -39.87 27.24
C GLN C 271 12.18 -39.09 26.15
N ASP C 272 11.42 -38.41 25.28
CA ASP C 272 12.01 -37.63 24.18
C ASP C 272 13.34 -36.94 24.58
N GLY C 273 13.40 -36.42 25.81
CA GLY C 273 14.52 -35.56 26.26
C GLY C 273 15.64 -36.25 27.06
N ASN C 274 15.97 -37.48 26.67
CA ASN C 274 17.16 -38.20 27.18
C ASN C 274 17.11 -38.72 28.64
N ASP C 275 16.69 -37.88 29.60
CA ASP C 275 16.62 -38.24 31.05
C ASP C 275 15.32 -37.74 31.69
N ILE C 276 14.57 -38.63 32.34
CA ILE C 276 13.43 -38.21 33.16
C ILE C 276 13.59 -38.75 34.58
N TYR C 277 13.71 -37.87 35.56
CA TYR C 277 13.82 -38.29 36.96
C TYR C 277 12.47 -38.17 37.64
N VAL C 278 11.84 -39.32 37.90
CA VAL C 278 10.54 -39.34 38.52
C VAL C 278 10.72 -39.26 40.02
N MET C 279 10.03 -38.30 40.62
CA MET C 279 10.18 -38.00 42.04
C MET C 279 8.86 -37.77 42.73
N ASP C 280 8.86 -38.04 44.03
CA ASP C 280 7.67 -37.87 44.82
C ASP C 280 7.92 -36.88 45.94
N VAL C 281 6.98 -35.95 46.10
CA VAL C 281 7.12 -34.92 47.11
C VAL C 281 6.73 -35.52 48.44
N LEU C 282 7.72 -35.65 49.31
CA LEU C 282 7.54 -36.13 50.66
C LEU C 282 7.00 -35.01 51.52
N GLU C 283 7.70 -33.89 51.56
CA GLU C 283 7.25 -32.74 52.36
C GLU C 283 7.35 -31.43 51.59
N VAL C 284 6.43 -30.52 51.93
CA VAL C 284 6.32 -29.20 51.31
C VAL C 284 6.74 -28.15 52.31
N ILE C 285 7.82 -27.45 51.99
CA ILE C 285 8.41 -26.50 52.93
C ILE C 285 8.04 -25.06 52.56
N LYS C 286 8.01 -24.79 51.27
CA LYS C 286 7.52 -23.53 50.71
C LYS C 286 6.78 -23.83 49.41
N GLN C 287 5.66 -23.14 49.19
CA GLN C 287 4.70 -23.49 48.15
C GLN C 287 4.62 -22.46 47.03
N GLY C 288 4.57 -22.92 45.78
CA GLY C 288 4.54 -22.02 44.62
C GLY C 288 3.17 -21.41 44.39
N THR C 289 3.08 -20.54 43.39
CA THR C 289 1.79 -19.93 42.98
C THR C 289 0.68 -20.98 42.85
N ASP C 290 0.97 -22.09 42.15
CA ASP C 290 0.09 -23.26 42.20
C ASP C 290 0.26 -23.76 43.61
N GLU C 291 -0.67 -23.30 44.43
CA GLU C 291 -0.71 -23.59 45.84
C GLU C 291 -1.46 -24.91 46.05
N ASN C 292 -0.80 -26.05 45.80
CA ASN C 292 -1.44 -27.38 45.90
C ASN C 292 -0.66 -28.71 45.69
N PRO C 293 0.69 -28.71 45.80
CA PRO C 293 1.40 -29.91 45.31
C PRO C 293 1.15 -31.15 46.17
N ARG C 294 2.01 -32.15 46.00
CA ARG C 294 1.95 -33.37 46.82
C ARG C 294 0.90 -34.38 46.34
N ALA C 295 -0.13 -33.89 45.64
CA ALA C 295 -1.16 -34.74 45.05
C ALA C 295 -0.80 -35.25 43.63
N LYS C 296 0.39 -34.90 43.12
CA LYS C 296 0.83 -35.23 41.76
C LYS C 296 2.33 -35.54 41.69
N THR C 297 2.70 -36.65 41.04
CA THR C 297 4.13 -37.01 40.95
C THR C 297 4.90 -36.06 40.04
N HIS C 298 6.07 -35.60 40.50
CA HIS C 298 6.86 -34.59 39.76
C HIS C 298 7.92 -35.19 38.83
N GLN C 299 8.15 -34.55 37.69
CA GLN C 299 9.19 -34.97 36.73
C GLN C 299 10.30 -33.93 36.68
N TYR C 300 11.54 -34.39 36.82
CA TYR C 300 12.69 -33.50 36.69
C TYR C 300 13.54 -33.96 35.53
N ILE C 301 13.79 -33.02 34.61
CA ILE C 301 14.34 -33.36 33.30
C ILE C 301 15.67 -32.65 33.03
N SER C 302 16.66 -33.42 32.61
CA SER C 302 18.00 -32.90 32.23
C SER C 302 18.62 -33.71 31.07
N GLN C 303 19.50 -33.07 30.31
CA GLN C 303 20.18 -33.72 29.16
C GLN C 303 21.16 -34.84 29.57
N ARG C 304 21.26 -35.87 28.73
CA ARG C 304 22.19 -36.99 28.95
C ARG C 304 23.62 -36.51 29.24
N LYS C 305 23.96 -35.33 28.73
CA LYS C 305 25.26 -34.69 28.98
C LYS C 305 25.43 -34.27 30.46
N CYS C 306 24.42 -34.58 31.29
CA CYS C 306 24.39 -34.15 32.69
C CYS C 306 24.16 -35.28 33.72
N GLN C 307 24.28 -36.52 33.25
CA GLN C 307 24.24 -37.72 34.08
C GLN C 307 25.32 -37.72 35.16
N GLU C 308 26.53 -37.33 34.75
CA GLU C 308 27.74 -37.39 35.58
C GLU C 308 27.57 -36.55 36.84
N ALA C 309 27.41 -35.24 36.64
CA ALA C 309 27.41 -34.26 37.73
C ALA C 309 26.22 -34.40 38.69
N LEU C 310 25.05 -34.72 38.16
CA LEU C 310 23.87 -34.98 38.97
C LEU C 310 23.90 -36.46 39.35
N ASN C 311 24.43 -36.77 40.53
CA ASN C 311 24.68 -38.17 40.91
C ASN C 311 23.47 -38.83 41.58
N LEU C 312 22.29 -38.56 41.04
CA LEU C 312 21.05 -39.03 41.65
C LEU C 312 20.92 -40.55 41.63
N LYS C 313 20.63 -41.13 42.79
CA LYS C 313 20.42 -42.57 42.91
C LYS C 313 18.97 -42.86 43.31
N VAL C 314 18.44 -44.00 42.86
CA VAL C 314 17.04 -44.37 43.07
C VAL C 314 16.74 -44.59 44.57
N ASN C 315 15.53 -44.20 45.01
CA ASN C 315 15.08 -44.31 46.41
C ASN C 315 15.83 -43.43 47.46
N ASP C 316 16.78 -42.62 46.99
CA ASP C 316 17.43 -41.62 47.81
C ASP C 316 16.56 -40.37 47.95
N ASP C 317 16.57 -39.76 49.14
CA ASP C 317 15.78 -38.57 49.43
C ASP C 317 16.55 -37.32 49.00
N TYR C 318 15.83 -36.32 48.48
CA TYR C 318 16.47 -35.11 48.03
C TYR C 318 15.83 -33.82 48.50
N LEU C 319 16.69 -32.85 48.81
CA LEU C 319 16.27 -31.48 49.02
C LEU C 319 16.27 -30.77 47.67
N ILE C 320 15.10 -30.26 47.28
CA ILE C 320 14.92 -29.60 45.99
C ILE C 320 14.19 -28.27 46.14
N TRP C 321 14.79 -27.20 45.61
CA TRP C 321 14.05 -25.97 45.35
C TRP C 321 14.42 -25.38 43.98
N GLY C 322 13.52 -24.58 43.43
CA GLY C 322 13.69 -23.94 42.12
C GLY C 322 12.68 -22.86 41.75
N SER C 323 12.64 -22.53 40.45
CA SER C 323 11.81 -21.47 39.90
C SER C 323 10.63 -22.05 39.10
N ARG C 324 9.47 -21.39 39.15
CA ARG C 324 8.33 -21.80 38.32
C ARG C 324 8.43 -21.31 36.87
N SER C 325 9.54 -20.67 36.52
CA SER C 325 9.77 -20.38 35.11
C SER C 325 10.45 -21.57 34.43
N ASP C 326 10.81 -22.58 35.22
CA ASP C 326 11.39 -23.79 34.68
C ASP C 326 10.35 -24.89 34.38
N LEU C 327 9.07 -24.60 34.61
CA LEU C 327 8.00 -25.60 34.41
C LEU C 327 7.70 -25.88 32.91
N LEU C 328 7.57 -27.17 32.58
CA LEU C 328 7.31 -27.66 31.23
C LEU C 328 6.06 -28.56 31.15
N PRO C 329 4.92 -27.99 30.69
CA PRO C 329 3.59 -28.63 30.70
C PRO C 329 3.49 -29.98 30.00
N THR C 330 2.77 -30.92 30.62
CA THR C 330 2.52 -32.28 30.09
C THR C 330 1.48 -33.09 30.89
N LYS C 331 0.89 -34.10 30.23
CA LYS C 331 -0.09 -35.04 30.81
C LYS C 331 -1.02 -34.45 31.90
N ASP C 332 -1.29 -35.23 32.94
CA ASP C 332 -1.84 -34.70 34.19
C ASP C 332 -0.68 -34.32 35.11
N LYS C 333 0.48 -34.94 34.87
CA LYS C 333 1.72 -34.81 35.67
C LYS C 333 2.43 -33.44 35.64
N ILE C 334 2.95 -33.02 36.80
CA ILE C 334 3.71 -31.76 36.92
C ILE C 334 5.20 -32.01 36.70
N SER C 335 5.80 -31.26 35.77
CA SER C 335 7.19 -31.46 35.35
C SER C 335 8.00 -30.17 35.24
N TYR C 336 9.22 -30.18 35.76
CA TYR C 336 10.16 -29.07 35.60
C TYR C 336 11.43 -29.59 34.96
N ILE C 337 12.27 -28.69 34.50
CA ILE C 337 13.55 -29.08 33.93
C ILE C 337 14.68 -28.56 34.81
N ILE C 338 15.71 -29.38 34.98
CA ILE C 338 16.82 -29.03 35.85
C ILE C 338 17.67 -27.93 35.23
N THR C 339 17.74 -26.81 35.94
CA THR C 339 18.52 -25.68 35.48
C THR C 339 19.39 -25.16 36.64
N LYS C 340 20.15 -24.09 36.44
CA LYS C 340 21.00 -23.53 37.49
C LYS C 340 20.18 -22.84 38.62
N ASN C 341 18.94 -22.44 38.32
CA ASN C 341 18.01 -21.98 39.35
C ASN C 341 17.49 -23.10 40.25
N THR C 342 17.89 -24.34 39.96
CA THR C 342 17.45 -25.51 40.71
C THR C 342 18.55 -25.95 41.65
N TRP C 343 18.20 -26.05 42.94
CA TRP C 343 19.11 -26.48 43.97
C TRP C 343 18.84 -27.92 44.33
N ILE C 344 19.89 -28.73 44.24
CA ILE C 344 19.76 -30.16 44.50
C ILE C 344 20.75 -30.65 45.57
N GLU C 345 20.21 -31.22 46.64
CA GLU C 345 21.02 -31.70 47.77
C GLU C 345 20.41 -32.98 48.32
N ARG C 346 21.24 -34.01 48.45
CA ARG C 346 20.77 -35.27 48.97
C ARG C 346 20.49 -35.18 50.45
N TRP C 347 19.36 -35.73 50.83
CA TRP C 347 18.86 -35.77 52.19
C TRP C 347 18.96 -37.23 52.67
N PRO C 348 19.82 -37.50 53.69
CA PRO C 348 20.01 -38.87 54.15
C PRO C 348 18.74 -39.51 54.70
N HIS C 349 18.76 -40.83 54.82
CA HIS C 349 17.65 -41.55 55.43
C HIS C 349 17.85 -41.54 56.93
N GLU C 350 16.90 -42.09 57.67
CA GLU C 350 17.04 -42.24 59.12
C GLU C 350 18.09 -43.29 59.49
N ASP C 351 18.19 -44.35 58.69
CA ASP C 351 19.29 -45.33 58.75
C ASP C 351 20.59 -44.57 58.84
N GLU C 352 20.78 -43.65 57.90
CA GLU C 352 21.94 -42.77 57.87
C GLU C 352 22.08 -41.86 59.10
N CYS C 353 20.96 -41.49 59.72
CA CYS C 353 20.98 -40.43 60.72
C CYS C 353 21.46 -40.89 62.12
N GLN C 354 22.43 -41.81 62.15
CA GLN C 354 23.05 -42.30 63.40
C GLN C 354 24.59 -42.25 63.35
N GLU C 355 25.16 -42.10 62.16
CA GLU C 355 26.62 -42.08 61.92
C GLU C 355 27.27 -40.72 62.26
N GLU C 356 28.45 -40.78 62.87
CA GLU C 356 29.28 -39.60 63.23
C GLU C 356 29.42 -38.53 62.13
N GLU C 357 29.35 -38.95 60.86
CA GLU C 357 29.49 -38.04 59.72
C GLU C 357 28.15 -37.38 59.32
N PHE C 358 27.08 -38.18 59.34
CA PHE C 358 25.75 -37.74 58.92
C PHE C 358 24.91 -37.04 60.01
N GLN C 359 25.20 -37.33 61.27
CA GLN C 359 24.32 -36.94 62.39
C GLN C 359 24.18 -35.43 62.63
N LYS C 360 25.27 -34.68 62.57
CA LYS C 360 25.22 -33.22 62.76
C LYS C 360 24.49 -32.51 61.61
N LEU C 361 24.43 -33.18 60.47
CA LEU C 361 23.74 -32.64 59.29
C LEU C 361 22.26 -32.91 59.33
N CYS C 362 21.87 -34.09 59.78
CA CYS C 362 20.46 -34.44 59.93
C CYS C 362 19.73 -33.42 60.81
N ASP C 363 20.44 -32.89 61.81
CA ASP C 363 19.94 -31.84 62.69
C ASP C 363 19.77 -30.56 61.90
N ASP C 364 20.83 -30.21 61.16
CA ASP C 364 20.87 -29.06 60.26
C ASP C 364 19.66 -29.06 59.31
N PHE C 365 19.33 -30.24 58.79
CA PHE C 365 18.18 -30.40 57.90
C PHE C 365 16.86 -30.27 58.64
N ALA C 366 16.85 -30.72 59.91
CA ALA C 366 15.66 -30.64 60.77
C ALA C 366 15.36 -29.21 61.20
N GLN C 367 16.42 -28.46 61.54
CA GLN C 367 16.29 -27.04 61.92
C GLN C 367 15.81 -26.23 60.71
N PHE C 368 16.42 -26.50 59.57
CA PHE C 368 16.10 -25.80 58.34
C PHE C 368 14.63 -25.97 57.99
N SER C 369 14.19 -27.22 57.89
CA SER C 369 12.81 -27.53 57.56
C SER C 369 11.90 -26.82 58.52
N TYR C 370 12.16 -27.05 59.81
CA TYR C 370 11.29 -26.58 60.86
C TYR C 370 11.02 -25.08 60.79
N THR C 371 12.10 -24.31 60.88
CA THR C 371 12.03 -22.87 60.96
C THR C 371 11.54 -22.19 59.68
N LEU C 372 11.72 -22.84 58.52
CA LEU C 372 11.18 -22.29 57.28
C LEU C 372 9.67 -22.53 57.16
N THR C 373 9.25 -23.78 57.38
CA THR C 373 7.84 -24.17 57.41
C THR C 373 7.01 -23.47 58.51
N GLU C 374 7.63 -23.15 59.65
CA GLU C 374 6.89 -22.54 60.76
C GLU C 374 6.78 -21.01 60.62
N PHE C 375 7.74 -20.36 59.97
CA PHE C 375 7.81 -18.89 59.98
C PHE C 375 7.77 -18.17 58.62
N GLY C 376 8.15 -18.84 57.54
CA GLY C 376 8.23 -18.19 56.24
C GLY C 376 9.54 -17.45 56.16
N CYS C 377 9.65 -16.47 55.26
CA CYS C 377 10.88 -15.69 55.13
C CYS C 377 10.89 -14.45 56.02
CA CA D . -9.06 20.33 -18.00
#